data_6IDV
#
_entry.id   6IDV
#
_cell.length_a   156.800
_cell.length_b   69.800
_cell.length_c   104.480
_cell.angle_alpha   90.00
_cell.angle_beta   110.22
_cell.angle_gamma   90.00
#
_symmetry.space_group_name_H-M   'C 1 2 1'
#
loop_
_entity.id
_entity.type
_entity.pdbx_description
1 polymer 'Peptide Asparaginyl Ligases'
2 branched alpha-L-fucopyranose-(1-4)-2-acetamido-2-deoxy-beta-D-glucopyranose-(1-4)-2-acetamido-2-deoxy-beta-D-glucopyranose
3 branched 2-acetamido-2-deoxy-beta-D-glucopyranose-(1-4)-2-acetamido-2-deoxy-beta-D-glucopyranose
4 non-polymer 2-acetamido-2-deoxy-beta-D-glucopyranose
5 non-polymer 1,2-ETHANEDIOL
6 non-polymer DI(HYDROXYETHYL)ETHER
7 water water
#
_entity_poly.entity_id   1
_entity_poly.type   'polypeptide(L)'
_entity_poly.pdbx_seq_one_letter_code
;MQLFAAGVILFFLLALSGTIAGGLDVDSLQLPSEAAKFFHNDNSTNDDDSIGTRWAVLIAGSKGYHNYRHQADVCHMYQI
LRKGGVKDENIIVFMYDDIAYNESNPFPGIIINKPGGENVYKGVPKDYTGEDINNVNFLAAILGNKSAIIGGSGKVLDTS
PNDHIFIYYA(SNN)HGAPGKIGMPSKPYLYADDLVDTLKQKAATGTYKSMVFYVEACNAGSMFEGLLPEGTNIYAMAAS
NSTEGSWITYCPGTPDFPPEFDVCLGDLWSITFLEDCDAHNLRTETVHQQFELVKKKIAYASTVSQYGDIPISKDSLSVY
MGTDPANDNRTFVDENSLRPPLKVIHQHDADLYHIWCKYNMAPEGSSKKIEAQKQLLELMSHRAHVDNSITLIGKLLFGV
NKASKVLNTVRPVGQPLVDDWQCLKAMIRTFETHCGSLSEYGMKHTLSFANMCNAGIQKEQLAEAAAQACVTFPSNPYSS
LAEGFSA
;
_entity_poly.pdbx_strand_id   A,B
#
# COMPACT_ATOMS: atom_id res chain seq x y z
N ILE A 51 -17.53 -27.23 -1.80
CA ILE A 51 -16.37 -27.68 -2.58
C ILE A 51 -15.54 -26.48 -3.09
N GLY A 52 -14.22 -26.60 -2.93
CA GLY A 52 -13.24 -25.59 -3.32
C GLY A 52 -13.30 -24.31 -2.51
N THR A 53 -12.47 -23.34 -2.88
CA THR A 53 -12.41 -22.03 -2.23
C THR A 53 -12.88 -20.95 -3.23
N ARG A 54 -13.55 -19.90 -2.72
CA ARG A 54 -13.98 -18.77 -3.52
C ARG A 54 -12.85 -17.76 -3.55
N TRP A 55 -12.42 -17.39 -4.75
CA TRP A 55 -11.37 -16.41 -4.99
C TRP A 55 -11.96 -15.20 -5.69
N ALA A 56 -11.32 -14.03 -5.53
CA ALA A 56 -11.72 -12.78 -6.16
C ALA A 56 -10.52 -11.89 -6.48
N VAL A 57 -10.63 -11.11 -7.56
CA VAL A 57 -9.65 -10.11 -8.00
C VAL A 57 -10.47 -8.86 -8.26
N LEU A 58 -10.27 -7.83 -7.44
CA LEU A 58 -10.98 -6.57 -7.57
C LEU A 58 -9.99 -5.51 -7.99
N ILE A 59 -10.27 -4.81 -9.09
CA ILE A 59 -9.35 -3.80 -9.59
C ILE A 59 -10.07 -2.56 -10.10
N ALA A 60 -9.68 -1.40 -9.54
CA ALA A 60 -10.07 -0.06 -9.99
C ALA A 60 -8.86 0.37 -10.86
N GLY A 61 -9.08 0.49 -12.17
CA GLY A 61 -8.02 0.79 -13.13
C GLY A 61 -7.67 2.26 -13.35
N SER A 62 -8.14 3.14 -12.47
CA SER A 62 -7.92 4.58 -12.60
C SER A 62 -7.33 5.21 -11.32
N LYS A 63 -6.97 6.51 -11.41
CA LYS A 63 -6.44 7.30 -10.30
C LYS A 63 -7.00 8.72 -10.39
N GLY A 64 -6.86 9.48 -9.33
CA GLY A 64 -7.34 10.86 -9.25
C GLY A 64 -8.66 10.94 -8.53
N TYR A 65 -8.85 11.99 -7.71
CA TYR A 65 -10.08 12.21 -6.94
C TYR A 65 -11.35 12.27 -7.83
N HIS A 66 -11.24 12.73 -9.09
CA HIS A 66 -12.39 12.79 -10.01
C HIS A 66 -12.89 11.40 -10.42
N ASN A 67 -12.05 10.37 -10.20
CA ASN A 67 -12.35 8.98 -10.49
C ASN A 67 -12.76 8.20 -9.24
N TYR A 68 -13.23 8.94 -8.21
CA TYR A 68 -13.75 8.50 -6.91
C TYR A 68 -14.59 7.22 -7.04
N ARG A 69 -15.53 7.23 -8.01
CA ARG A 69 -16.51 6.17 -8.32
C ARG A 69 -15.90 4.79 -8.54
N HIS A 70 -14.81 4.69 -9.31
CA HIS A 70 -14.14 3.44 -9.64
C HIS A 70 -13.63 2.71 -8.42
N GLN A 71 -13.00 3.45 -7.47
CA GLN A 71 -12.50 2.91 -6.21
C GLN A 71 -13.66 2.63 -5.22
N ALA A 72 -14.76 3.42 -5.28
CA ALA A 72 -15.99 3.25 -4.47
C ALA A 72 -16.72 1.98 -4.91
N ASP A 73 -16.73 1.71 -6.22
CA ASP A 73 -17.33 0.53 -6.85
C ASP A 73 -16.65 -0.75 -6.33
N VAL A 74 -15.30 -0.78 -6.42
CA VAL A 74 -14.43 -1.88 -6.00
C VAL A 74 -14.55 -2.12 -4.49
N CYS A 75 -14.58 -1.03 -3.69
CA CYS A 75 -14.76 -1.11 -2.23
C CYS A 75 -16.08 -1.79 -1.86
N HIS A 76 -17.17 -1.43 -2.59
CA HIS A 76 -18.51 -1.96 -2.42
C HIS A 76 -18.53 -3.45 -2.75
N MET A 77 -17.86 -3.85 -3.84
CA MET A 77 -17.76 -5.26 -4.24
C MET A 77 -17.07 -6.09 -3.15
N TYR A 78 -16.06 -5.53 -2.46
CA TYR A 78 -15.38 -6.21 -1.36
C TYR A 78 -16.35 -6.48 -0.18
N GLN A 79 -17.21 -5.51 0.16
CA GLN A 79 -18.19 -5.62 1.25
C GLN A 79 -19.20 -6.76 0.99
N ILE A 80 -19.56 -6.99 -0.29
CA ILE A 80 -20.45 -8.06 -0.71
C ILE A 80 -19.76 -9.40 -0.45
N LEU A 81 -18.52 -9.57 -0.92
CA LEU A 81 -17.69 -10.76 -0.71
C LEU A 81 -17.42 -11.06 0.77
N ARG A 82 -17.08 -10.02 1.55
CA ARG A 82 -16.83 -10.14 3.00
C ARG A 82 -18.09 -10.65 3.76
N LYS A 83 -19.27 -10.10 3.41
CA LYS A 83 -20.56 -10.49 4.02
C LYS A 83 -21.02 -11.89 3.60
N GLY A 84 -20.58 -12.33 2.43
CA GLY A 84 -20.88 -13.66 1.87
C GLY A 84 -19.98 -14.78 2.37
N GLY A 85 -18.96 -14.43 3.15
CA GLY A 85 -18.02 -15.39 3.74
C GLY A 85 -16.76 -15.68 2.92
N VAL A 86 -16.48 -14.85 1.90
CA VAL A 86 -15.28 -14.99 1.06
C VAL A 86 -14.10 -14.40 1.87
N LYS A 87 -13.06 -15.22 2.10
CA LYS A 87 -11.90 -14.85 2.94
C LYS A 87 -10.94 -13.87 2.27
N ASP A 88 -10.41 -12.91 3.08
CA ASP A 88 -9.46 -11.87 2.66
C ASP A 88 -8.23 -12.40 1.94
N GLU A 89 -7.69 -13.55 2.36
CA GLU A 89 -6.49 -14.17 1.75
C GLU A 89 -6.76 -14.66 0.32
N ASN A 90 -8.05 -14.68 -0.08
CA ASN A 90 -8.51 -15.12 -1.38
C ASN A 90 -9.11 -13.99 -2.23
N ILE A 91 -9.05 -12.74 -1.74
CA ILE A 91 -9.55 -11.55 -2.42
C ILE A 91 -8.39 -10.60 -2.68
N ILE A 92 -7.88 -10.54 -3.93
CA ILE A 92 -6.79 -9.63 -4.30
C ILE A 92 -7.40 -8.29 -4.66
N VAL A 93 -6.98 -7.22 -3.96
CA VAL A 93 -7.51 -5.88 -4.20
C VAL A 93 -6.46 -4.93 -4.80
N PHE A 94 -6.78 -4.32 -5.94
CA PHE A 94 -5.96 -3.32 -6.62
C PHE A 94 -6.72 -2.00 -6.58
N MET A 95 -6.26 -1.04 -5.79
CA MET A 95 -6.85 0.31 -5.74
C MET A 95 -5.78 1.33 -5.40
N TYR A 96 -5.72 2.45 -6.16
CA TYR A 96 -4.71 3.50 -6.04
C TYR A 96 -4.55 4.05 -4.62
N ASP A 97 -5.68 4.21 -3.89
CA ASP A 97 -5.76 4.68 -2.50
C ASP A 97 -5.46 6.19 -2.36
N ASP A 98 -5.99 7.01 -3.28
CA ASP A 98 -5.82 8.46 -3.27
C ASP A 98 -7.17 9.15 -3.14
N ILE A 99 -8.17 8.42 -2.59
CA ILE A 99 -9.53 8.93 -2.43
C ILE A 99 -9.88 9.24 -0.96
N ALA A 100 -9.81 8.24 -0.06
CA ALA A 100 -10.20 8.36 1.36
C ALA A 100 -9.55 9.51 2.12
N TYR A 101 -8.25 9.76 1.89
CA TYR A 101 -7.50 10.82 2.57
C TYR A 101 -7.01 11.90 1.59
N ASN A 102 -7.83 12.16 0.57
CA ASN A 102 -7.58 13.22 -0.39
C ASN A 102 -8.01 14.54 0.25
N GLU A 103 -7.26 15.63 -0.02
CA GLU A 103 -7.50 16.99 0.47
C GLU A 103 -8.93 17.42 0.10
N SER A 104 -9.41 16.98 -1.10
CA SER A 104 -10.72 17.27 -1.68
C SER A 104 -11.86 16.45 -1.09
N ASN A 105 -11.56 15.35 -0.38
CA ASN A 105 -12.60 14.50 0.21
C ASN A 105 -13.22 15.18 1.44
N PRO A 106 -14.55 15.47 1.44
CA PRO A 106 -15.15 16.13 2.63
C PRO A 106 -15.27 15.22 3.86
N PHE A 107 -15.13 13.88 3.68
CA PHE A 107 -15.20 12.91 4.76
C PHE A 107 -13.95 12.03 4.83
N PRO A 108 -12.87 12.50 5.49
CA PRO A 108 -11.63 11.68 5.55
C PRO A 108 -11.85 10.29 6.15
N GLY A 109 -11.37 9.28 5.43
CA GLY A 109 -11.50 7.88 5.84
C GLY A 109 -12.74 7.16 5.36
N ILE A 110 -13.69 7.94 4.78
CA ILE A 110 -14.97 7.47 4.27
C ILE A 110 -15.01 7.55 2.73
N ILE A 111 -15.52 6.48 2.11
CA ILE A 111 -15.82 6.35 0.68
C ILE A 111 -17.25 5.80 0.60
N ILE A 112 -18.15 6.51 -0.11
CA ILE A 112 -19.54 6.10 -0.31
C ILE A 112 -19.81 5.79 -1.79
N ASN A 113 -20.56 4.71 -2.05
CA ASN A 113 -20.92 4.30 -3.41
C ASN A 113 -22.41 4.64 -3.70
N LYS A 114 -23.03 5.41 -2.79
CA LYS A 114 -24.43 5.82 -2.84
C LYS A 114 -24.61 6.94 -1.80
N PRO A 115 -25.44 7.98 -2.07
CA PRO A 115 -25.61 9.06 -1.08
C PRO A 115 -26.00 8.64 0.33
N GLY A 116 -26.86 7.64 0.48
CA GLY A 116 -27.23 7.17 1.81
C GLY A 116 -26.45 5.94 2.26
N GLY A 117 -25.45 5.57 1.46
CA GLY A 117 -24.63 4.37 1.62
C GLY A 117 -23.73 4.28 2.82
N GLU A 118 -23.22 3.08 3.04
CA GLU A 118 -22.27 2.78 4.10
C GLU A 118 -20.86 3.13 3.67
N ASN A 119 -19.95 3.29 4.64
CA ASN A 119 -18.55 3.53 4.33
C ASN A 119 -18.01 2.21 3.76
N VAL A 120 -17.88 2.17 2.42
CA VAL A 120 -17.42 0.97 1.73
C VAL A 120 -15.89 0.79 1.85
N TYR A 121 -15.13 1.84 2.29
CA TYR A 121 -13.67 1.85 2.44
C TYR A 121 -13.15 1.07 3.66
N LYS A 122 -13.91 1.09 4.77
CA LYS A 122 -13.57 0.41 6.03
C LYS A 122 -13.39 -1.10 5.84
N GLY A 123 -12.20 -1.60 6.17
CA GLY A 123 -11.86 -3.02 6.13
C GLY A 123 -11.38 -3.61 4.82
N VAL A 124 -11.30 -2.80 3.76
CA VAL A 124 -10.84 -3.27 2.45
C VAL A 124 -9.31 -3.55 2.50
N PRO A 125 -8.88 -4.81 2.24
CA PRO A 125 -7.43 -5.11 2.28
C PRO A 125 -6.75 -4.68 0.98
N LYS A 126 -5.91 -3.64 1.03
CA LYS A 126 -5.22 -3.13 -0.15
C LYS A 126 -3.92 -3.90 -0.40
N ASP A 127 -3.91 -4.70 -1.48
CA ASP A 127 -2.76 -5.52 -1.85
C ASP A 127 -1.82 -4.77 -2.77
N TYR A 128 -2.36 -4.04 -3.75
CA TYR A 128 -1.59 -3.24 -4.70
C TYR A 128 -2.18 -1.83 -4.77
N THR A 129 -1.40 -0.84 -4.31
CA THR A 129 -1.73 0.58 -4.27
C THR A 129 -0.72 1.38 -5.06
N GLY A 130 -1.05 2.64 -5.35
CA GLY A 130 -0.19 3.54 -6.08
C GLY A 130 0.22 2.98 -7.42
N GLU A 131 1.50 3.14 -7.77
CA GLU A 131 2.07 2.69 -9.04
C GLU A 131 2.32 1.16 -9.11
N ASP A 132 1.90 0.42 -8.06
CA ASP A 132 1.96 -1.05 -8.05
C ASP A 132 0.80 -1.68 -8.83
N ILE A 133 -0.22 -0.86 -9.18
CA ILE A 133 -1.33 -1.26 -10.02
C ILE A 133 -0.82 -0.99 -11.45
N ASN A 134 -0.34 -2.05 -12.09
CA ASN A 134 0.22 -2.06 -13.44
C ASN A 134 -0.05 -3.43 -14.08
N ASN A 135 0.21 -3.54 -15.40
CA ASN A 135 0.01 -4.76 -16.18
C ASN A 135 0.78 -5.96 -15.64
N VAL A 136 2.06 -5.77 -15.28
CA VAL A 136 2.92 -6.84 -14.75
C VAL A 136 2.28 -7.48 -13.51
N ASN A 137 1.94 -6.68 -12.50
CA ASN A 137 1.34 -7.13 -11.24
C ASN A 137 -0.05 -7.68 -11.37
N PHE A 138 -0.87 -7.10 -12.27
CA PHE A 138 -2.24 -7.55 -12.48
C PHE A 138 -2.32 -8.90 -13.20
N LEU A 139 -1.55 -9.06 -14.29
CA LEU A 139 -1.52 -10.30 -15.06
C LEU A 139 -0.83 -11.44 -14.32
N ALA A 140 0.20 -11.11 -13.51
CA ALA A 140 0.92 -12.09 -12.68
C ALA A 140 0.03 -12.57 -11.52
N ALA A 141 -0.86 -11.70 -11.01
CA ALA A 141 -1.81 -12.04 -9.94
C ALA A 141 -2.86 -13.04 -10.44
N ILE A 142 -3.42 -12.80 -11.66
CA ILE A 142 -4.39 -13.69 -12.33
C ILE A 142 -3.77 -15.08 -12.58
N LEU A 143 -2.55 -15.12 -13.12
CA LEU A 143 -1.83 -16.34 -13.39
C LEU A 143 -1.33 -17.09 -12.16
N GLY A 144 -1.31 -16.42 -11.00
CA GLY A 144 -0.86 -16.99 -9.75
C GLY A 144 0.65 -17.08 -9.65
N ASN A 145 1.35 -16.15 -10.29
CA ASN A 145 2.81 -16.10 -10.35
C ASN A 145 3.42 -15.04 -9.40
N LYS A 146 3.70 -15.47 -8.17
CA LYS A 146 4.27 -14.67 -7.09
C LYS A 146 5.66 -14.10 -7.42
N SER A 147 6.48 -14.86 -8.18
CA SER A 147 7.85 -14.49 -8.57
C SER A 147 7.92 -13.36 -9.60
N ALA A 148 6.80 -13.02 -10.24
CA ALA A 148 6.71 -11.93 -11.22
C ALA A 148 6.19 -10.62 -10.61
N ILE A 149 5.77 -10.66 -9.33
CA ILE A 149 5.24 -9.51 -8.59
C ILE A 149 6.36 -8.59 -8.09
N ILE A 150 6.22 -7.28 -8.37
CA ILE A 150 7.12 -6.21 -7.94
C ILE A 150 6.26 -5.24 -7.10
N GLY A 151 6.56 -5.14 -5.81
CA GLY A 151 5.79 -4.29 -4.90
C GLY A 151 4.43 -4.86 -4.55
N GLY A 152 3.86 -4.35 -3.48
CA GLY A 152 2.57 -4.83 -3.00
C GLY A 152 2.73 -5.95 -1.99
N SER A 153 1.62 -6.60 -1.61
CA SER A 153 1.62 -7.67 -0.62
C SER A 153 2.23 -8.97 -1.14
N GLY A 154 2.02 -9.25 -2.43
CA GLY A 154 2.47 -10.48 -3.08
C GLY A 154 1.36 -11.51 -3.19
N LYS A 155 0.10 -11.12 -2.86
CA LYS A 155 -1.10 -11.97 -2.94
C LYS A 155 -1.42 -12.23 -4.42
N VAL A 156 -1.57 -13.52 -4.78
CA VAL A 156 -1.84 -13.99 -6.15
C VAL A 156 -2.94 -15.07 -6.16
N LEU A 157 -3.55 -15.35 -7.34
CA LEU A 157 -4.55 -16.40 -7.50
C LEU A 157 -3.88 -17.78 -7.47
N ASP A 158 -3.62 -18.33 -6.28
CA ASP A 158 -3.04 -19.67 -6.17
C ASP A 158 -4.20 -20.66 -6.06
N THR A 159 -4.93 -20.82 -7.17
CA THR A 159 -6.15 -21.60 -7.28
C THR A 159 -5.91 -23.08 -7.60
N SER A 160 -6.80 -23.94 -7.04
CA SER A 160 -6.83 -25.40 -7.21
C SER A 160 -7.99 -25.74 -8.19
N PRO A 161 -8.05 -27.00 -8.76
CA PRO A 161 -9.09 -27.31 -9.77
C PRO A 161 -10.57 -27.15 -9.38
N ASN A 162 -10.89 -27.02 -8.08
CA ASN A 162 -12.28 -26.94 -7.61
C ASN A 162 -12.72 -25.54 -7.21
N ASP A 163 -11.78 -24.59 -7.25
CA ASP A 163 -11.95 -23.20 -6.86
C ASP A 163 -12.73 -22.39 -7.89
N HIS A 164 -13.43 -21.36 -7.39
CA HIS A 164 -14.23 -20.43 -8.18
C HIS A 164 -13.59 -19.08 -8.14
N ILE A 165 -13.56 -18.38 -9.28
CA ILE A 165 -12.94 -17.05 -9.39
C ILE A 165 -13.93 -16.00 -9.85
N PHE A 166 -13.98 -14.88 -9.12
CA PHE A 166 -14.77 -13.72 -9.52
C PHE A 166 -13.84 -12.53 -9.77
N ILE A 167 -13.73 -12.07 -11.01
CA ILE A 167 -12.91 -10.90 -11.32
C ILE A 167 -13.82 -9.71 -11.57
N TYR A 168 -13.52 -8.59 -10.91
CA TYR A 168 -14.27 -7.37 -11.13
C TYR A 168 -13.34 -6.17 -11.40
N TYR A 169 -13.43 -5.63 -12.63
CA TYR A 169 -12.71 -4.45 -13.08
C TYR A 169 -13.66 -3.25 -13.19
N ALA A 170 -13.25 -2.06 -12.69
CA ALA A 170 -14.04 -0.83 -12.78
C ALA A 170 -13.17 0.35 -13.22
CA HIS A 172 -12.02 3.76 -18.02
C HIS A 172 -11.69 2.71 -19.08
N GLY A 173 -12.45 2.73 -20.15
CA GLY A 173 -12.25 1.87 -21.29
C GLY A 173 -12.24 2.63 -22.59
N ALA A 174 -11.98 1.91 -23.67
CA ALA A 174 -11.93 2.38 -25.06
C ALA A 174 -11.90 1.11 -25.89
N PRO A 175 -12.21 1.13 -27.22
CA PRO A 175 -12.15 -0.12 -27.99
C PRO A 175 -10.83 -0.90 -27.81
N GLY A 176 -10.95 -2.12 -27.29
CA GLY A 176 -9.85 -3.05 -27.03
C GLY A 176 -8.82 -2.60 -26.01
N LYS A 177 -9.22 -1.71 -25.09
CA LYS A 177 -8.38 -1.14 -24.05
C LYS A 177 -9.16 -0.90 -22.74
N ILE A 178 -8.53 -1.24 -21.60
CA ILE A 178 -8.96 -0.93 -20.24
C ILE A 178 -7.78 -0.19 -19.57
N GLY A 179 -8.11 0.84 -18.79
CA GLY A 179 -7.10 1.65 -18.14
C GLY A 179 -6.32 0.99 -17.02
N MET A 180 -5.16 1.56 -16.73
CA MET A 180 -4.28 1.21 -15.63
C MET A 180 -3.87 2.56 -15.04
N PRO A 181 -3.82 2.71 -13.68
CA PRO A 181 -3.43 4.03 -13.12
C PRO A 181 -2.04 4.49 -13.57
N SER A 182 -1.15 3.52 -13.89
CA SER A 182 0.20 3.78 -14.39
C SER A 182 0.32 3.20 -15.81
N LYS A 183 0.62 4.07 -16.82
CA LYS A 183 0.81 3.72 -18.23
C LYS A 183 1.94 2.67 -18.43
N PRO A 184 1.88 1.75 -19.45
CA PRO A 184 0.84 1.61 -20.48
C PRO A 184 -0.46 0.99 -19.99
N TYR A 185 -1.50 1.09 -20.81
CA TYR A 185 -2.82 0.55 -20.54
C TYR A 185 -2.89 -0.95 -20.84
N LEU A 186 -3.98 -1.61 -20.44
CA LEU A 186 -4.18 -3.03 -20.71
C LEU A 186 -5.02 -3.19 -21.96
N TYR A 187 -4.45 -3.87 -22.96
CA TYR A 187 -5.09 -4.13 -24.24
C TYR A 187 -5.65 -5.54 -24.28
N ALA A 188 -6.81 -5.70 -24.96
CA ALA A 188 -7.57 -6.95 -25.06
C ALA A 188 -6.73 -8.17 -25.41
N ASP A 189 -5.75 -8.03 -26.33
CA ASP A 189 -4.85 -9.13 -26.69
C ASP A 189 -4.07 -9.67 -25.48
N ASP A 190 -3.48 -8.80 -24.65
CA ASP A 190 -2.70 -9.17 -23.45
C ASP A 190 -3.55 -9.76 -22.34
N LEU A 191 -4.77 -9.23 -22.14
CA LEU A 191 -5.70 -9.72 -21.14
C LEU A 191 -6.26 -11.10 -21.54
N VAL A 192 -6.75 -11.25 -22.80
CA VAL A 192 -7.30 -12.52 -23.29
C VAL A 192 -6.20 -13.60 -23.39
N ASP A 193 -4.95 -13.23 -23.72
CA ASP A 193 -3.84 -14.18 -23.77
C ASP A 193 -3.52 -14.75 -22.38
N THR A 194 -3.63 -13.91 -21.33
CA THR A 194 -3.42 -14.27 -19.93
C THR A 194 -4.50 -15.24 -19.48
N LEU A 195 -5.78 -14.96 -19.82
CA LEU A 195 -6.95 -15.79 -19.50
C LEU A 195 -6.89 -17.13 -20.22
N LYS A 196 -6.43 -17.14 -21.49
CA LYS A 196 -6.25 -18.35 -22.31
C LYS A 196 -5.16 -19.21 -21.69
N GLN A 197 -4.10 -18.58 -21.12
CA GLN A 197 -2.97 -19.24 -20.48
C GLN A 197 -3.46 -19.90 -19.19
N LYS A 198 -4.26 -19.16 -18.41
CA LYS A 198 -4.87 -19.62 -17.16
C LYS A 198 -5.89 -20.74 -17.43
N ALA A 199 -6.63 -20.65 -18.54
CA ALA A 199 -7.61 -21.68 -18.93
C ALA A 199 -6.93 -22.97 -19.41
N ALA A 200 -5.79 -22.85 -20.11
CA ALA A 200 -5.03 -23.98 -20.64
C ALA A 200 -4.16 -24.69 -19.64
N THR A 201 -3.45 -23.94 -18.77
CA THR A 201 -2.47 -24.48 -17.82
C THR A 201 -2.84 -24.26 -16.35
N GLY A 202 -3.77 -23.36 -16.09
CA GLY A 202 -4.20 -23.04 -14.73
C GLY A 202 -5.33 -23.92 -14.26
N THR A 203 -5.41 -24.13 -12.95
CA THR A 203 -6.43 -24.99 -12.33
C THR A 203 -7.49 -24.17 -11.66
N TYR A 204 -8.76 -24.39 -12.05
CA TYR A 204 -9.97 -23.76 -11.49
C TYR A 204 -11.24 -24.45 -12.05
N LYS A 205 -12.39 -24.33 -11.35
CA LYS A 205 -13.61 -24.93 -11.87
C LYS A 205 -14.27 -23.96 -12.85
N SER A 206 -14.54 -22.74 -12.39
CA SER A 206 -15.16 -21.70 -13.22
C SER A 206 -14.76 -20.30 -12.79
N MET A 207 -14.99 -19.34 -13.69
CA MET A 207 -14.69 -17.95 -13.47
C MET A 207 -15.78 -17.06 -14.05
N VAL A 208 -16.05 -15.95 -13.36
CA VAL A 208 -16.99 -14.90 -13.78
C VAL A 208 -16.16 -13.59 -13.79
N PHE A 209 -16.14 -12.87 -14.93
CA PHE A 209 -15.41 -11.61 -15.09
C PHE A 209 -16.41 -10.48 -15.38
N TYR A 210 -16.53 -9.53 -14.44
CA TYR A 210 -17.42 -8.35 -14.53
C TYR A 210 -16.59 -7.12 -14.88
N VAL A 211 -16.86 -6.51 -16.05
CA VAL A 211 -16.13 -5.34 -16.55
C VAL A 211 -16.98 -4.07 -16.60
N GLU A 212 -16.57 -3.06 -15.84
CA GLU A 212 -17.16 -1.73 -15.86
C GLU A 212 -16.16 -0.82 -16.57
N ALA A 213 -16.44 -0.50 -17.86
CA ALA A 213 -15.60 0.35 -18.73
C ALA A 213 -16.36 0.72 -20.00
N CYS A 214 -15.89 1.77 -20.72
CA CYS A 214 -16.46 2.16 -22.01
C CYS A 214 -16.05 1.01 -22.95
N ASN A 215 -16.90 0.67 -23.95
CA ASN A 215 -16.65 -0.40 -24.94
C ASN A 215 -16.19 -1.71 -24.30
N ALA A 216 -16.64 -2.01 -23.06
CA ALA A 216 -16.25 -3.19 -22.28
C ALA A 216 -16.31 -4.52 -23.03
N GLY A 217 -17.25 -4.65 -23.96
CA GLY A 217 -17.43 -5.83 -24.79
C GLY A 217 -16.31 -6.11 -25.78
N SER A 218 -15.56 -5.05 -26.20
CA SER A 218 -14.44 -5.13 -27.14
C SER A 218 -13.22 -5.85 -26.55
N MET A 219 -13.24 -6.07 -25.23
CA MET A 219 -12.20 -6.78 -24.48
C MET A 219 -12.29 -8.27 -24.72
N PHE A 220 -13.47 -8.76 -25.12
CA PHE A 220 -13.73 -10.18 -25.33
C PHE A 220 -14.18 -10.54 -26.73
N GLU A 221 -14.97 -9.65 -27.37
CA GLU A 221 -15.51 -9.90 -28.71
C GLU A 221 -14.44 -10.31 -29.73
N GLY A 222 -14.62 -11.50 -30.31
CA GLY A 222 -13.70 -12.10 -31.26
C GLY A 222 -12.36 -12.53 -30.72
N LEU A 223 -12.21 -12.55 -29.38
CA LEU A 223 -10.95 -12.90 -28.74
C LEU A 223 -11.07 -14.09 -27.80
N LEU A 224 -11.99 -14.00 -26.81
CA LEU A 224 -12.17 -15.04 -25.79
C LEU A 224 -12.83 -16.26 -26.37
N PRO A 225 -12.09 -17.39 -26.42
CA PRO A 225 -12.68 -18.62 -27.00
C PRO A 225 -13.59 -19.37 -26.03
N GLU A 226 -14.31 -20.37 -26.56
CA GLU A 226 -15.21 -21.17 -25.73
C GLU A 226 -14.47 -22.36 -25.16
N GLY A 227 -15.01 -22.90 -24.08
CA GLY A 227 -14.42 -24.04 -23.38
C GLY A 227 -13.32 -23.66 -22.42
N THR A 228 -13.35 -22.41 -21.89
CA THR A 228 -12.42 -21.85 -20.92
C THR A 228 -12.99 -21.83 -19.49
N ASN A 229 -14.33 -21.95 -19.36
CA ASN A 229 -15.08 -21.86 -18.10
C ASN A 229 -15.03 -20.44 -17.54
N ILE A 230 -14.83 -19.45 -18.44
CA ILE A 230 -14.84 -18.02 -18.17
C ILE A 230 -16.07 -17.44 -18.84
N TYR A 231 -16.98 -16.94 -18.01
CA TYR A 231 -18.16 -16.23 -18.44
C TYR A 231 -17.87 -14.76 -18.14
N ALA A 232 -18.10 -13.87 -19.11
CA ALA A 232 -17.85 -12.46 -18.91
C ALA A 232 -19.11 -11.61 -19.09
N MET A 233 -19.29 -10.60 -18.23
CA MET A 233 -20.40 -9.64 -18.30
C MET A 233 -19.79 -8.26 -18.36
N ALA A 234 -20.29 -7.45 -19.31
CA ALA A 234 -19.80 -6.11 -19.59
C ALA A 234 -20.90 -5.05 -19.42
N ALA A 235 -20.53 -3.86 -18.90
CA ALA A 235 -21.40 -2.71 -18.69
C ALA A 235 -21.99 -2.21 -20.00
N SER A 236 -21.19 -2.31 -21.08
CA SER A 236 -21.53 -1.85 -22.42
C SER A 236 -21.00 -2.82 -23.48
N ASN A 237 -21.55 -2.72 -24.71
CA ASN A 237 -21.11 -3.55 -25.82
C ASN A 237 -19.78 -3.00 -26.43
N SER A 238 -19.27 -3.62 -27.50
CA SER A 238 -18.00 -3.21 -28.12
C SER A 238 -17.97 -1.75 -28.70
N THR A 239 -19.14 -1.17 -29.03
CA THR A 239 -19.22 0.14 -29.66
C THR A 239 -19.77 1.28 -28.78
N GLU A 240 -20.34 0.96 -27.62
CA GLU A 240 -20.89 2.04 -26.82
C GLU A 240 -20.11 2.29 -25.53
N GLY A 241 -20.20 3.52 -25.06
CA GLY A 241 -19.57 3.96 -23.82
C GLY A 241 -20.41 3.59 -22.62
N SER A 242 -19.82 3.69 -21.42
CA SER A 242 -20.54 3.40 -20.17
C SER A 242 -21.08 4.67 -19.50
N TRP A 243 -21.98 4.51 -18.53
CA TRP A 243 -22.61 5.65 -17.89
C TRP A 243 -22.29 5.76 -16.40
N ILE A 244 -22.45 6.97 -15.85
CA ILE A 244 -22.15 7.34 -14.46
C ILE A 244 -23.38 7.91 -13.77
N THR A 245 -23.58 7.56 -12.49
CA THR A 245 -24.71 8.07 -11.69
C THR A 245 -24.25 8.59 -10.31
N TYR A 246 -25.22 9.04 -9.47
CA TYR A 246 -25.01 9.65 -8.15
C TYR A 246 -24.05 10.82 -8.33
N CYS A 247 -24.48 11.74 -9.20
CA CYS A 247 -23.74 12.92 -9.64
C CYS A 247 -24.27 14.20 -9.00
N PRO A 248 -23.42 15.25 -8.85
CA PRO A 248 -23.91 16.51 -8.27
C PRO A 248 -25.15 17.12 -8.94
N GLY A 249 -26.00 17.71 -8.11
CA GLY A 249 -27.21 18.41 -8.49
C GLY A 249 -28.24 17.64 -9.31
N THR A 250 -28.99 16.72 -8.65
CA THR A 250 -30.09 15.97 -9.28
C THR A 250 -31.16 15.58 -8.22
N PRO A 251 -30.92 14.66 -7.24
CA PRO A 251 -32.02 14.32 -6.31
C PRO A 251 -31.90 15.15 -5.03
N ASP A 252 -31.34 14.56 -3.98
CA ASP A 252 -31.09 15.19 -2.69
C ASP A 252 -29.63 14.82 -2.34
N PHE A 253 -28.77 14.92 -3.39
CA PHE A 253 -27.34 14.61 -3.42
C PHE A 253 -26.50 15.46 -2.46
N PRO A 254 -25.54 14.86 -1.69
CA PRO A 254 -24.67 15.64 -0.81
C PRO A 254 -23.99 16.85 -1.49
N PRO A 255 -24.29 18.10 -1.04
CA PRO A 255 -23.71 19.27 -1.73
C PRO A 255 -22.21 19.50 -1.52
N GLU A 256 -21.52 18.72 -0.66
CA GLU A 256 -20.07 18.87 -0.43
C GLU A 256 -19.26 18.20 -1.55
N PHE A 257 -19.85 17.18 -2.21
CA PHE A 257 -19.24 16.42 -3.29
C PHE A 257 -19.40 17.09 -4.65
N ASP A 258 -18.30 17.15 -5.43
CA ASP A 258 -18.27 17.67 -6.80
C ASP A 258 -17.92 16.55 -7.80
N VAL A 259 -18.03 15.30 -7.32
CA VAL A 259 -17.75 14.04 -8.03
C VAL A 259 -18.97 13.14 -8.01
N CYS A 260 -19.03 12.18 -8.93
CA CYS A 260 -20.06 11.16 -8.98
C CYS A 260 -19.61 10.01 -8.08
N LEU A 261 -20.57 9.37 -7.39
CA LEU A 261 -20.24 8.32 -6.42
C LEU A 261 -20.14 6.91 -7.01
N GLY A 262 -20.80 6.67 -8.13
CA GLY A 262 -20.78 5.36 -8.78
C GLY A 262 -21.01 5.39 -10.27
N ASP A 263 -20.91 4.22 -10.89
CA ASP A 263 -21.16 4.01 -12.31
C ASP A 263 -22.49 3.29 -12.40
N LEU A 264 -23.32 3.61 -13.41
CA LEU A 264 -24.66 3.04 -13.57
C LEU A 264 -24.73 1.50 -13.50
N TRP A 265 -23.92 0.80 -14.31
CA TRP A 265 -23.96 -0.66 -14.31
C TRP A 265 -23.50 -1.26 -12.98
N SER A 266 -22.42 -0.72 -12.42
CA SER A 266 -21.85 -1.16 -11.13
C SER A 266 -22.85 -1.06 -9.99
N ILE A 267 -23.47 0.13 -9.83
N ILE A 267 -23.46 0.13 -9.76
CA ILE A 267 -24.50 0.47 -8.83
CA ILE A 267 -24.42 0.28 -8.66
C ILE A 267 -25.64 -0.55 -8.89
C ILE A 267 -25.66 -0.62 -8.85
N THR A 268 -26.15 -0.81 -10.11
CA THR A 268 -27.28 -1.69 -10.41
C THR A 268 -26.99 -3.11 -10.00
N PHE A 269 -25.84 -3.67 -10.42
CA PHE A 269 -25.50 -5.04 -10.05
C PHE A 269 -25.09 -5.13 -8.56
N LEU A 270 -24.33 -4.16 -8.04
CA LEU A 270 -23.87 -4.14 -6.63
C LEU A 270 -25.04 -4.05 -5.64
N GLU A 271 -25.99 -3.12 -5.87
CA GLU A 271 -27.17 -2.95 -5.00
C GLU A 271 -28.09 -4.17 -5.04
N ASP A 272 -28.10 -4.89 -6.18
CA ASP A 272 -28.82 -6.14 -6.42
C ASP A 272 -28.25 -7.26 -5.53
N CYS A 273 -26.89 -7.41 -5.51
CA CYS A 273 -26.14 -8.36 -4.67
C CYS A 273 -26.44 -8.19 -3.18
N ASP A 274 -26.77 -6.95 -2.77
CA ASP A 274 -27.09 -6.56 -1.39
C ASP A 274 -28.54 -6.89 -1.02
N ALA A 275 -29.45 -6.86 -2.02
CA ALA A 275 -30.89 -7.03 -1.87
C ALA A 275 -31.41 -8.46 -1.65
N HIS A 276 -30.68 -9.51 -2.10
CA HIS A 276 -31.20 -10.87 -2.00
C HIS A 276 -30.26 -11.91 -1.44
N ASN A 277 -30.84 -13.11 -1.18
CA ASN A 277 -30.16 -14.35 -0.81
C ASN A 277 -29.58 -14.80 -2.18
N LEU A 278 -28.26 -14.71 -2.34
CA LEU A 278 -27.58 -14.99 -3.61
C LEU A 278 -27.56 -16.49 -4.01
N ARG A 279 -28.22 -17.35 -3.21
CA ARG A 279 -28.37 -18.79 -3.50
C ARG A 279 -29.57 -18.96 -4.42
N THR A 280 -30.51 -17.98 -4.40
CA THR A 280 -31.77 -17.96 -5.14
C THR A 280 -31.68 -17.18 -6.46
N GLU A 281 -30.58 -16.45 -6.68
CA GLU A 281 -30.36 -15.69 -7.90
C GLU A 281 -29.16 -16.24 -8.66
N THR A 282 -29.35 -16.54 -9.95
CA THR A 282 -28.31 -17.04 -10.84
C THR A 282 -27.61 -15.83 -11.51
N VAL A 283 -26.43 -16.06 -12.12
CA VAL A 283 -25.68 -15.02 -12.83
C VAL A 283 -26.51 -14.54 -14.05
N HIS A 284 -27.25 -15.47 -14.71
CA HIS A 284 -28.15 -15.22 -15.86
C HIS A 284 -29.29 -14.28 -15.47
N GLN A 285 -29.93 -14.51 -14.31
CA GLN A 285 -31.03 -13.71 -13.78
C GLN A 285 -30.55 -12.29 -13.53
N GLN A 286 -29.31 -12.14 -12.99
CA GLN A 286 -28.70 -10.84 -12.77
C GLN A 286 -28.41 -10.18 -14.11
N PHE A 287 -27.91 -10.97 -15.09
CA PHE A 287 -27.63 -10.46 -16.43
C PHE A 287 -28.89 -9.83 -17.04
N GLU A 288 -30.02 -10.58 -17.05
CA GLU A 288 -31.31 -10.13 -17.60
C GLU A 288 -31.89 -8.94 -16.87
N LEU A 289 -31.87 -8.98 -15.53
CA LEU A 289 -32.36 -7.93 -14.64
C LEU A 289 -31.63 -6.60 -14.85
N VAL A 290 -30.27 -6.59 -14.75
CA VAL A 290 -29.47 -5.38 -14.90
C VAL A 290 -29.51 -4.87 -16.34
N LYS A 291 -29.67 -5.78 -17.35
CA LYS A 291 -29.80 -5.41 -18.75
C LYS A 291 -31.10 -4.60 -18.96
N LYS A 292 -32.25 -5.11 -18.47
CA LYS A 292 -33.56 -4.45 -18.53
C LYS A 292 -33.54 -3.06 -17.86
N LYS A 293 -32.94 -2.98 -16.65
CA LYS A 293 -32.83 -1.75 -15.85
C LYS A 293 -32.04 -0.64 -16.52
N ILE A 294 -30.83 -0.94 -17.01
CA ILE A 294 -29.89 0.01 -17.65
C ILE A 294 -30.16 0.25 -19.15
N ALA A 295 -31.08 -0.53 -19.79
CA ALA A 295 -31.43 -0.51 -21.23
C ALA A 295 -31.48 0.86 -21.89
N TYR A 296 -31.97 1.89 -21.16
CA TYR A 296 -32.08 3.27 -21.64
C TYR A 296 -30.72 3.92 -21.90
N ALA A 297 -29.69 3.49 -21.17
CA ALA A 297 -28.33 4.00 -21.23
C ALA A 297 -27.38 3.13 -22.06
N SER A 298 -27.11 1.87 -21.62
CA SER A 298 -26.22 0.99 -22.38
C SER A 298 -26.74 -0.44 -22.49
N THR A 299 -26.11 -1.25 -23.36
CA THR A 299 -26.47 -2.65 -23.61
C THR A 299 -25.51 -3.58 -22.86
N VAL A 300 -26.00 -4.18 -21.76
CA VAL A 300 -25.25 -5.13 -20.93
C VAL A 300 -24.99 -6.35 -21.83
N SER A 301 -23.69 -6.72 -21.98
CA SER A 301 -23.26 -7.79 -22.87
C SER A 301 -22.54 -8.97 -22.20
N GLN A 302 -22.76 -10.19 -22.74
CA GLN A 302 -22.22 -11.48 -22.30
C GLN A 302 -21.19 -12.00 -23.26
N TYR A 303 -20.15 -12.67 -22.73
CA TYR A 303 -19.08 -13.29 -23.51
C TYR A 303 -18.58 -14.56 -22.85
N GLY A 304 -17.92 -15.40 -23.63
CA GLY A 304 -17.35 -16.66 -23.17
C GLY A 304 -18.34 -17.78 -23.03
N ASP A 305 -18.16 -18.60 -21.97
CA ASP A 305 -19.02 -19.75 -21.71
C ASP A 305 -20.29 -19.31 -21.02
N ILE A 306 -21.30 -18.93 -21.82
CA ILE A 306 -22.61 -18.47 -21.35
C ILE A 306 -23.29 -19.57 -20.48
N PRO A 307 -23.17 -20.90 -20.74
CA PRO A 307 -23.77 -21.88 -19.80
C PRO A 307 -23.32 -21.77 -18.33
N ILE A 308 -22.16 -21.12 -18.05
CA ILE A 308 -21.63 -20.89 -16.69
C ILE A 308 -22.58 -19.96 -15.88
N SER A 309 -23.31 -19.06 -16.57
CA SER A 309 -24.26 -18.13 -15.93
C SER A 309 -25.50 -18.81 -15.30
N LYS A 310 -25.62 -20.15 -15.48
CA LYS A 310 -26.67 -20.98 -14.88
C LYS A 310 -26.45 -21.08 -13.36
N ASP A 311 -25.19 -20.89 -12.91
CA ASP A 311 -24.78 -20.97 -11.51
C ASP A 311 -25.36 -19.81 -10.75
N SER A 312 -25.59 -20.00 -9.46
CA SER A 312 -26.09 -18.95 -8.58
C SER A 312 -24.95 -18.01 -8.23
N LEU A 313 -25.27 -16.75 -7.90
CA LEU A 313 -24.26 -15.75 -7.54
C LEU A 313 -23.46 -16.14 -6.30
N SER A 314 -24.05 -16.96 -5.41
CA SER A 314 -23.43 -17.48 -4.18
C SER A 314 -22.24 -18.39 -4.47
N VAL A 315 -22.18 -19.01 -5.65
CA VAL A 315 -21.09 -19.89 -6.08
C VAL A 315 -19.76 -19.10 -6.09
N TYR A 316 -19.85 -17.81 -6.46
CA TYR A 316 -18.73 -16.88 -6.58
C TYR A 316 -18.67 -15.83 -5.46
N MET A 317 -19.83 -15.37 -4.94
CA MET A 317 -19.92 -14.29 -3.93
C MET A 317 -20.32 -14.70 -2.52
N GLY A 318 -20.90 -15.90 -2.37
CA GLY A 318 -21.48 -16.36 -1.12
C GLY A 318 -22.80 -15.63 -0.93
N THR A 319 -23.30 -15.57 0.30
CA THR A 319 -24.54 -14.84 0.59
C THR A 319 -24.54 -14.33 2.04
N ASP A 320 -24.98 -13.07 2.23
CA ASP A 320 -25.10 -12.43 3.54
C ASP A 320 -26.24 -13.13 4.30
N PRO A 321 -25.94 -13.79 5.46
CA PRO A 321 -27.01 -14.49 6.22
C PRO A 321 -28.19 -13.59 6.61
N ALA A 322 -28.00 -12.26 6.60
CA ALA A 322 -29.01 -11.24 6.88
C ALA A 322 -30.10 -11.21 5.80
N ASN A 323 -29.79 -11.65 4.57
CA ASN A 323 -30.75 -11.68 3.46
C ASN A 323 -31.30 -13.09 3.16
N ASP A 324 -31.15 -14.06 4.08
CA ASP A 324 -31.62 -15.43 3.89
C ASP A 324 -33.10 -15.51 3.49
N ASN A 325 -33.94 -14.67 4.11
CA ASN A 325 -35.36 -14.63 3.81
C ASN A 325 -35.67 -13.84 2.52
N ARG A 326 -34.75 -12.97 2.09
CA ARG A 326 -34.93 -12.16 0.88
C ARG A 326 -34.66 -12.96 -0.41
N THR A 327 -35.64 -13.80 -0.82
CA THR A 327 -35.57 -14.62 -2.04
C THR A 327 -35.70 -13.76 -3.29
N PHE A 328 -34.93 -14.11 -4.35
CA PHE A 328 -34.96 -13.42 -5.62
C PHE A 328 -36.27 -13.65 -6.39
N VAL A 329 -36.92 -12.56 -6.81
CA VAL A 329 -38.17 -12.60 -7.59
C VAL A 329 -37.93 -11.93 -8.95
N PRO A 337 -35.97 5.80 -13.95
CA PRO A 337 -34.62 6.03 -14.46
C PRO A 337 -33.81 6.99 -13.59
N LEU A 338 -32.50 6.74 -13.49
CA LEU A 338 -31.54 7.54 -12.71
C LEU A 338 -30.93 8.64 -13.57
N LYS A 339 -30.62 9.80 -12.97
CA LYS A 339 -29.98 10.91 -13.69
C LYS A 339 -28.53 10.52 -13.95
N VAL A 340 -28.22 10.33 -15.22
CA VAL A 340 -26.97 9.77 -15.68
C VAL A 340 -26.14 10.68 -16.64
N ILE A 341 -24.80 10.58 -16.56
CA ILE A 341 -23.86 11.31 -17.42
C ILE A 341 -22.80 10.30 -17.98
N HIS A 342 -22.40 10.49 -19.24
CA HIS A 342 -21.42 9.67 -19.96
C HIS A 342 -20.07 9.62 -19.24
N GLN A 343 -19.40 8.46 -19.24
CA GLN A 343 -18.08 8.27 -18.61
C GLN A 343 -17.01 9.16 -19.26
N HIS A 344 -17.11 9.38 -20.58
CA HIS A 344 -16.20 10.19 -21.39
C HIS A 344 -16.25 11.67 -21.02
N ASP A 345 -17.40 12.14 -20.45
CA ASP A 345 -17.67 13.53 -20.03
C ASP A 345 -17.52 13.77 -18.52
N ALA A 346 -16.97 12.78 -17.77
CA ALA A 346 -16.79 12.86 -16.32
C ALA A 346 -15.73 13.86 -15.89
N ASP A 347 -14.67 14.03 -16.71
CA ASP A 347 -13.60 14.98 -16.46
C ASP A 347 -14.15 16.42 -16.64
N LEU A 348 -14.91 16.65 -17.74
CA LEU A 348 -15.58 17.91 -18.09
C LEU A 348 -16.58 18.29 -16.97
N TYR A 349 -17.47 17.36 -16.60
CA TYR A 349 -18.47 17.56 -15.56
C TYR A 349 -17.88 17.88 -14.19
N HIS A 350 -16.80 17.17 -13.78
CA HIS A 350 -16.16 17.39 -12.49
C HIS A 350 -15.59 18.79 -12.37
N ILE A 351 -14.89 19.25 -13.43
CA ILE A 351 -14.31 20.59 -13.50
C ILE A 351 -15.45 21.64 -13.53
N TRP A 352 -16.55 21.37 -14.26
CA TRP A 352 -17.74 22.25 -14.27
C TRP A 352 -18.29 22.39 -12.85
N CYS A 353 -18.46 21.26 -12.12
CA CYS A 353 -18.95 21.22 -10.72
C CYS A 353 -18.02 21.98 -9.78
N LYS A 354 -16.70 21.75 -9.91
CA LYS A 354 -15.63 22.42 -9.19
C LYS A 354 -15.74 23.93 -9.42
N TYR A 355 -15.87 24.36 -10.70
CA TYR A 355 -16.01 25.75 -11.16
C TYR A 355 -17.29 26.42 -10.61
N ASN A 356 -18.44 25.75 -10.75
CA ASN A 356 -19.74 26.24 -10.29
C ASN A 356 -19.79 26.43 -8.77
N MET A 357 -19.27 25.45 -8.01
CA MET A 357 -19.25 25.44 -6.53
C MET A 357 -18.33 26.50 -5.91
N ALA A 358 -17.26 26.89 -6.63
CA ALA A 358 -16.28 27.87 -6.15
C ALA A 358 -16.85 29.30 -6.19
N PRO A 359 -16.55 30.14 -5.17
CA PRO A 359 -17.08 31.52 -5.18
C PRO A 359 -16.53 32.37 -6.33
N GLU A 360 -17.30 33.41 -6.72
CA GLU A 360 -16.91 34.31 -7.80
C GLU A 360 -15.68 35.12 -7.39
N GLY A 361 -14.75 35.25 -8.32
CA GLY A 361 -13.49 35.98 -8.10
C GLY A 361 -12.43 35.22 -7.33
N SER A 362 -12.79 34.07 -6.71
CA SER A 362 -11.86 33.24 -5.93
C SER A 362 -10.80 32.59 -6.81
N SER A 363 -9.68 32.17 -6.20
CA SER A 363 -8.57 31.53 -6.90
C SER A 363 -8.93 30.13 -7.42
N LYS A 364 -9.82 29.42 -6.68
CA LYS A 364 -10.31 28.09 -7.05
C LYS A 364 -11.15 28.14 -8.34
N LYS A 365 -11.94 29.22 -8.52
CA LYS A 365 -12.80 29.43 -9.69
C LYS A 365 -11.98 29.74 -10.95
N ILE A 366 -10.95 30.60 -10.81
CA ILE A 366 -10.04 30.99 -11.91
C ILE A 366 -9.28 29.76 -12.41
N GLU A 367 -8.78 28.94 -11.46
CA GLU A 367 -8.05 27.68 -11.65
C GLU A 367 -8.90 26.66 -12.41
N ALA A 368 -10.16 26.46 -11.98
CA ALA A 368 -11.13 25.55 -12.60
C ALA A 368 -11.53 26.01 -14.01
N GLN A 369 -11.66 27.33 -14.24
CA GLN A 369 -11.99 27.86 -15.56
C GLN A 369 -10.83 27.57 -16.55
N LYS A 370 -9.57 27.74 -16.09
CA LYS A 370 -8.36 27.48 -16.87
C LYS A 370 -8.27 25.99 -17.23
N GLN A 371 -8.57 25.11 -16.24
CA GLN A 371 -8.59 23.65 -16.36
C GLN A 371 -9.59 23.19 -17.41
N LEU A 372 -10.76 23.85 -17.47
CA LEU A 372 -11.82 23.55 -18.43
C LEU A 372 -11.38 23.88 -19.87
N LEU A 373 -10.71 25.02 -20.08
CA LEU A 373 -10.19 25.41 -21.39
C LEU A 373 -9.08 24.46 -21.86
N GLU A 374 -8.15 24.07 -20.96
CA GLU A 374 -7.07 23.11 -21.27
C GLU A 374 -7.67 21.76 -21.72
N LEU A 375 -8.70 21.27 -20.98
CA LEU A 375 -9.44 20.04 -21.25
C LEU A 375 -10.11 20.08 -22.64
N MET A 376 -10.87 21.16 -22.92
CA MET A 376 -11.57 21.39 -24.20
C MET A 376 -10.61 21.56 -25.38
N SER A 377 -9.49 22.30 -25.17
CA SER A 377 -8.44 22.50 -26.18
C SER A 377 -7.82 21.20 -26.62
N HIS A 378 -7.50 20.29 -25.66
CA HIS A 378 -6.91 18.98 -25.91
C HIS A 378 -7.87 18.09 -26.70
N ARG A 379 -9.18 18.11 -26.34
CA ARG A 379 -10.26 17.37 -26.98
C ARG A 379 -10.25 17.77 -28.46
N ALA A 380 -10.35 19.08 -28.76
CA ALA A 380 -10.32 19.64 -30.11
C ALA A 380 -9.02 19.27 -30.85
N HIS A 381 -7.85 19.43 -30.20
CA HIS A 381 -6.56 19.10 -30.79
C HIS A 381 -6.52 17.66 -31.30
N VAL A 382 -6.84 16.68 -30.41
CA VAL A 382 -6.84 15.24 -30.66
C VAL A 382 -7.83 14.86 -31.76
N ASP A 383 -9.06 15.38 -31.68
CA ASP A 383 -10.09 15.13 -32.68
C ASP A 383 -9.72 15.69 -34.05
N ASN A 384 -9.25 16.95 -34.09
CA ASN A 384 -8.84 17.62 -35.35
C ASN A 384 -7.61 16.97 -36.00
N SER A 385 -6.67 16.46 -35.17
CA SER A 385 -5.48 15.76 -35.64
C SER A 385 -5.86 14.47 -36.34
N ILE A 386 -6.74 13.66 -35.71
CA ILE A 386 -7.23 12.38 -36.23
C ILE A 386 -8.01 12.59 -37.53
N THR A 387 -8.85 13.63 -37.57
CA THR A 387 -9.64 14.01 -38.75
C THR A 387 -8.71 14.35 -39.93
N LEU A 388 -7.71 15.23 -39.70
CA LEU A 388 -6.73 15.61 -40.74
C LEU A 388 -5.94 14.39 -41.23
N ILE A 389 -5.42 13.55 -40.29
CA ILE A 389 -4.66 12.32 -40.60
C ILE A 389 -5.47 11.40 -41.50
N GLY A 390 -6.73 11.17 -41.11
CA GLY A 390 -7.66 10.32 -41.85
C GLY A 390 -7.84 10.76 -43.29
N LYS A 391 -8.01 12.09 -43.50
CA LYS A 391 -8.21 12.71 -44.82
C LYS A 391 -6.94 12.67 -45.65
N LEU A 392 -5.79 12.71 -44.98
CA LEU A 392 -4.47 12.63 -45.61
C LEU A 392 -4.28 11.21 -46.13
N LEU A 393 -4.74 10.22 -45.34
CA LEU A 393 -4.63 8.79 -45.61
C LEU A 393 -5.65 8.22 -46.61
N PHE A 394 -6.93 8.65 -46.55
CA PHE A 394 -8.00 8.06 -47.37
C PHE A 394 -8.75 9.03 -48.27
N GLY A 395 -8.51 10.33 -48.15
CA GLY A 395 -9.24 11.33 -48.90
C GLY A 395 -10.20 12.12 -48.03
N VAL A 396 -10.49 13.36 -48.43
CA VAL A 396 -11.35 14.35 -47.76
C VAL A 396 -12.77 13.82 -47.48
N ASN A 397 -13.38 13.09 -48.41
CA ASN A 397 -14.74 12.65 -48.17
C ASN A 397 -14.88 11.17 -47.74
N LYS A 398 -13.88 10.32 -48.07
CA LYS A 398 -13.87 8.90 -47.77
C LYS A 398 -13.44 8.53 -46.36
N ALA A 399 -12.58 9.32 -45.74
CA ALA A 399 -11.96 9.09 -44.44
C ALA A 399 -12.88 8.77 -43.26
N SER A 400 -13.96 9.58 -43.07
CA SER A 400 -14.88 9.47 -41.93
C SER A 400 -15.47 8.07 -41.78
N LYS A 401 -16.06 7.51 -42.88
CA LYS A 401 -16.64 6.16 -42.86
C LYS A 401 -15.56 5.11 -42.57
N VAL A 402 -14.41 5.19 -43.25
CA VAL A 402 -13.30 4.26 -43.03
C VAL A 402 -12.85 4.22 -41.55
N LEU A 403 -12.63 5.38 -40.94
CA LEU A 403 -12.18 5.46 -39.54
C LEU A 403 -13.26 5.14 -38.50
N ASN A 404 -14.53 5.37 -38.84
CA ASN A 404 -15.63 5.14 -37.91
C ASN A 404 -16.29 3.77 -38.05
N THR A 405 -15.74 2.91 -38.95
CA THR A 405 -16.21 1.54 -39.15
C THR A 405 -16.00 0.73 -37.87
N VAL A 406 -17.09 0.14 -37.38
CA VAL A 406 -17.14 -0.73 -36.22
C VAL A 406 -17.21 -2.18 -36.66
N ARG A 407 -16.94 -3.12 -35.76
CA ARG A 407 -16.92 -4.55 -36.04
C ARG A 407 -18.28 -5.22 -35.98
N PRO A 408 -18.61 -6.18 -36.91
CA PRO A 408 -19.86 -6.94 -36.74
C PRO A 408 -19.70 -7.88 -35.53
N VAL A 409 -20.81 -8.42 -35.02
CA VAL A 409 -20.82 -9.33 -33.86
C VAL A 409 -19.90 -10.55 -34.06
N GLY A 410 -19.03 -10.80 -33.08
CA GLY A 410 -18.10 -11.92 -33.04
C GLY A 410 -16.75 -11.67 -33.67
N GLN A 411 -16.52 -10.43 -34.14
CA GLN A 411 -15.26 -10.04 -34.79
C GLN A 411 -14.39 -9.21 -33.86
N PRO A 412 -13.06 -9.51 -33.79
CA PRO A 412 -12.17 -8.69 -32.93
C PRO A 412 -11.93 -7.30 -33.52
N LEU A 413 -11.56 -6.33 -32.67
CA LEU A 413 -11.32 -4.94 -33.06
C LEU A 413 -10.27 -4.82 -34.18
N VAL A 414 -9.14 -5.49 -33.99
CA VAL A 414 -8.03 -5.48 -34.92
C VAL A 414 -7.47 -6.91 -35.09
N ASP A 415 -6.89 -7.18 -36.27
CA ASP A 415 -6.29 -8.47 -36.58
C ASP A 415 -4.83 -8.46 -36.12
N ASP A 416 -4.13 -7.31 -36.32
CA ASP A 416 -2.75 -7.10 -35.87
C ASP A 416 -2.73 -6.14 -34.69
N TRP A 417 -2.68 -6.70 -33.46
CA TRP A 417 -2.63 -5.91 -32.22
C TRP A 417 -1.34 -5.13 -32.07
N GLN A 418 -0.19 -5.71 -32.48
CA GLN A 418 1.10 -5.01 -32.45
C GLN A 418 1.11 -3.77 -33.33
N CYS A 419 0.36 -3.79 -34.46
CA CYS A 419 0.19 -2.65 -35.36
C CYS A 419 -0.56 -1.57 -34.61
N LEU A 420 -1.66 -1.94 -33.93
CA LEU A 420 -2.50 -1.03 -33.16
C LEU A 420 -1.69 -0.27 -32.12
N LYS A 421 -0.85 -1.00 -31.34
CA LYS A 421 0.03 -0.44 -30.30
C LYS A 421 1.06 0.51 -30.90
N ALA A 422 1.64 0.14 -32.06
CA ALA A 422 2.60 0.95 -32.82
C ALA A 422 1.93 2.23 -33.34
N MET A 423 0.69 2.12 -33.84
CA MET A 423 -0.14 3.24 -34.32
C MET A 423 -0.38 4.26 -33.20
N ILE A 424 -0.78 3.78 -31.99
CA ILE A 424 -1.01 4.60 -30.79
C ILE A 424 0.26 5.36 -30.44
N ARG A 425 1.41 4.65 -30.33
CA ARG A 425 2.72 5.21 -30.02
C ARG A 425 3.16 6.29 -31.03
N THR A 426 3.21 5.99 -32.37
CA THR A 426 3.65 6.98 -33.39
C THR A 426 2.71 8.20 -33.46
N PHE A 427 1.40 8.04 -33.20
CA PHE A 427 0.51 9.21 -33.19
C PHE A 427 0.96 10.14 -32.05
N GLU A 428 1.16 9.57 -30.84
CA GLU A 428 1.56 10.27 -29.63
C GLU A 428 2.95 10.94 -29.71
N THR A 429 3.90 10.38 -30.51
CA THR A 429 5.23 10.99 -30.62
C THR A 429 5.16 12.32 -31.37
N HIS A 430 4.26 12.43 -32.35
CA HIS A 430 4.06 13.63 -33.17
C HIS A 430 2.98 14.58 -32.62
N CYS A 431 1.84 14.04 -32.19
CA CYS A 431 0.67 14.81 -31.79
C CYS A 431 0.43 14.90 -30.30
N GLY A 432 1.29 14.28 -29.49
CA GLY A 432 1.14 14.30 -28.04
C GLY A 432 0.20 13.25 -27.50
N SER A 433 0.18 13.08 -26.17
CA SER A 433 -0.66 12.12 -25.47
C SER A 433 -2.15 12.23 -25.83
N LEU A 434 -2.82 11.05 -25.91
CA LEU A 434 -4.24 10.89 -26.22
C LEU A 434 -5.04 11.20 -24.95
N SER A 435 -4.47 10.93 -23.75
CA SER A 435 -5.03 11.11 -22.41
C SER A 435 -6.20 10.13 -22.25
N GLU A 436 -7.17 10.41 -21.36
CA GLU A 436 -8.36 9.55 -21.19
C GLU A 436 -9.24 9.72 -22.43
N TYR A 437 -9.52 11.00 -22.81
CA TYR A 437 -10.40 11.37 -23.92
C TYR A 437 -10.03 10.71 -25.25
N GLY A 438 -8.80 10.92 -25.70
CA GLY A 438 -8.31 10.44 -26.99
C GLY A 438 -8.24 8.95 -27.19
N MET A 439 -8.39 8.16 -26.10
CA MET A 439 -8.33 6.69 -26.16
C MET A 439 -9.44 6.09 -27.03
N LYS A 440 -10.55 6.84 -27.26
CA LYS A 440 -11.66 6.45 -28.13
C LYS A 440 -11.18 6.21 -29.59
N HIS A 441 -10.06 6.83 -29.96
CA HIS A 441 -9.47 6.74 -31.29
C HIS A 441 -8.73 5.43 -31.58
N THR A 442 -8.81 4.43 -30.67
CA THR A 442 -8.23 3.10 -30.87
C THR A 442 -8.94 2.49 -32.06
N LEU A 443 -10.24 2.82 -32.23
CA LEU A 443 -11.08 2.39 -33.35
C LEU A 443 -10.53 2.96 -34.65
N SER A 444 -10.12 4.26 -34.66
CA SER A 444 -9.54 4.92 -35.84
C SER A 444 -8.24 4.21 -36.26
N PHE A 445 -7.37 3.91 -35.27
CA PHE A 445 -6.09 3.20 -35.47
C PHE A 445 -6.27 1.75 -35.91
N ALA A 446 -7.30 1.05 -35.37
CA ALA A 446 -7.62 -0.35 -35.71
C ALA A 446 -8.04 -0.42 -37.18
N ASN A 447 -8.90 0.51 -37.60
CA ASN A 447 -9.36 0.65 -38.96
C ASN A 447 -8.21 0.97 -39.93
N MET A 448 -7.23 1.78 -39.49
CA MET A 448 -6.01 2.08 -40.27
C MET A 448 -5.20 0.77 -40.44
N CYS A 449 -5.02 0.00 -39.35
CA CYS A 449 -4.31 -1.30 -39.35
C CYS A 449 -4.97 -2.31 -40.26
N ASN A 450 -6.30 -2.45 -40.16
CA ASN A 450 -7.08 -3.40 -40.96
C ASN A 450 -7.13 -2.99 -42.44
N ALA A 451 -6.98 -1.68 -42.75
CA ALA A 451 -6.98 -1.12 -44.12
C ALA A 451 -5.59 -1.22 -44.79
N GLY A 452 -4.62 -1.81 -44.08
CA GLY A 452 -3.27 -2.00 -44.59
C GLY A 452 -2.29 -0.87 -44.36
N ILE A 453 -2.66 0.13 -43.53
CA ILE A 453 -1.82 1.28 -43.21
C ILE A 453 -0.72 0.82 -42.26
N GLN A 454 0.51 1.29 -42.55
CA GLN A 454 1.72 0.99 -41.79
C GLN A 454 2.07 2.21 -40.92
N LYS A 455 2.83 2.00 -39.83
CA LYS A 455 3.24 3.05 -38.87
C LYS A 455 3.99 4.23 -39.56
N GLU A 456 4.73 3.94 -40.64
CA GLU A 456 5.46 4.95 -41.42
C GLU A 456 4.53 5.93 -42.17
N GLN A 457 3.37 5.45 -42.65
CA GLN A 457 2.34 6.23 -43.34
C GLN A 457 1.61 7.16 -42.36
N LEU A 458 1.38 6.68 -41.12
CA LEU A 458 0.75 7.41 -40.01
C LEU A 458 1.70 8.52 -39.54
N ALA A 459 3.02 8.21 -39.38
CA ALA A 459 4.06 9.16 -38.95
C ALA A 459 4.18 10.36 -39.89
N GLU A 460 4.15 10.11 -41.21
CA GLU A 460 4.21 11.15 -42.24
C GLU A 460 2.93 12.02 -42.24
N ALA A 461 1.75 11.40 -41.97
CA ALA A 461 0.46 12.10 -41.90
C ALA A 461 0.36 12.96 -40.63
N ALA A 462 0.78 12.38 -39.47
CA ALA A 462 0.80 13.03 -38.15
C ALA A 462 1.80 14.19 -38.07
N ALA A 463 2.95 14.10 -38.78
CA ALA A 463 3.95 15.18 -38.83
C ALA A 463 3.41 16.36 -39.64
N GLN A 464 2.53 16.07 -40.61
CA GLN A 464 1.84 17.05 -41.44
C GLN A 464 0.63 17.63 -40.67
N ALA A 465 -0.05 16.83 -39.83
CA ALA A 465 -1.18 17.26 -39.01
C ALA A 465 -0.74 18.08 -37.81
N CYS A 466 0.44 17.74 -37.22
CA CYS A 466 1.01 18.43 -36.06
C CYS A 466 2.42 18.89 -36.36
N VAL A 467 2.53 20.11 -36.90
CA VAL A 467 3.80 20.75 -37.25
C VAL A 467 4.60 21.03 -35.96
N THR A 468 3.89 21.34 -34.86
CA THR A 468 4.43 21.66 -33.54
C THR A 468 3.81 20.75 -32.48
N PHE A 469 4.66 20.15 -31.59
CA PHE A 469 4.21 19.30 -30.48
C PHE A 469 3.40 20.17 -29.49
N PRO A 470 2.23 19.71 -29.01
CA PRO A 470 1.41 20.57 -28.13
C PRO A 470 1.97 20.86 -26.72
N SER A 471 1.66 22.07 -26.22
CA SER A 471 2.08 22.60 -24.92
C SER A 471 1.10 22.23 -23.80
N ASN A 472 -0.15 21.93 -24.17
CA ASN A 472 -1.27 21.55 -23.30
C ASN A 472 -0.82 20.45 -22.30
N PRO A 473 -1.15 20.56 -20.99
CA PRO A 473 -0.72 19.54 -20.02
C PRO A 473 -1.27 18.12 -20.24
N TYR A 474 -2.40 18.01 -20.95
CA TYR A 474 -3.03 16.71 -21.24
C TYR A 474 -2.29 15.96 -22.36
N SER A 475 -1.49 16.70 -23.14
CA SER A 475 -0.67 16.18 -24.24
C SER A 475 0.71 15.69 -23.76
N SER A 476 0.99 15.83 -22.44
CA SER A 476 2.27 15.45 -21.82
C SER A 476 2.55 13.94 -21.85
N LEU A 477 3.73 13.58 -22.36
CA LEU A 477 4.21 12.21 -22.45
C LEU A 477 5.11 11.85 -21.23
N ALA A 478 5.07 12.68 -20.17
CA ALA A 478 5.83 12.54 -18.93
C ALA A 478 5.56 11.21 -18.21
N GLU A 479 4.31 10.71 -18.27
CA GLU A 479 3.89 9.45 -17.68
C GLU A 479 4.05 8.26 -18.67
N GLY A 480 4.62 8.55 -19.84
CA GLY A 480 4.87 7.58 -20.90
C GLY A 480 3.77 7.53 -21.95
N PHE A 481 3.89 6.56 -22.88
CA PHE A 481 2.91 6.29 -23.94
C PHE A 481 1.76 5.42 -23.42
N SER A 482 0.60 5.52 -24.09
CA SER A 482 -0.62 4.77 -23.75
C SER A 482 -0.50 3.28 -24.10
N ALA A 483 0.33 2.92 -25.11
CA ALA A 483 0.55 1.55 -25.57
C ALA A 483 1.98 1.11 -25.29
N GLY B 52 -12.37 15.44 22.94
CA GLY B 52 -11.42 15.29 21.85
C GLY B 52 -11.53 13.97 21.11
N THR B 53 -10.53 13.67 20.27
CA THR B 53 -10.47 12.43 19.47
C THR B 53 -9.19 11.67 19.84
N ARG B 54 -9.25 10.35 19.78
CA ARG B 54 -8.09 9.51 20.02
C ARG B 54 -7.40 9.25 18.68
N TRP B 55 -6.13 9.62 18.61
CA TRP B 55 -5.29 9.43 17.42
C TRP B 55 -4.18 8.46 17.74
N ALA B 56 -3.67 7.77 16.72
CA ALA B 56 -2.58 6.81 16.85
C ALA B 56 -1.70 6.79 15.62
N VAL B 57 -0.40 6.50 15.83
CA VAL B 57 0.60 6.33 14.77
C VAL B 57 1.31 5.04 15.13
N LEU B 58 1.14 4.01 14.30
CA LEU B 58 1.76 2.70 14.50
C LEU B 58 2.79 2.49 13.42
N ILE B 59 4.03 2.22 13.80
CA ILE B 59 5.10 2.04 12.83
C ILE B 59 6.03 0.87 13.20
N ALA B 60 6.18 -0.05 12.24
CA ALA B 60 7.14 -1.16 12.22
C ALA B 60 8.27 -0.61 11.34
N GLY B 61 9.42 -0.33 11.96
CA GLY B 61 10.55 0.29 11.28
C GLY B 61 11.50 -0.62 10.53
N SER B 62 11.10 -1.86 10.29
CA SER B 62 11.94 -2.85 9.62
C SER B 62 11.24 -3.53 8.43
N LYS B 63 12.00 -4.34 7.68
CA LYS B 63 11.52 -5.11 6.55
C LYS B 63 12.21 -6.48 6.52
N GLY B 64 11.68 -7.40 5.73
CA GLY B 64 12.20 -8.75 5.63
C GLY B 64 11.43 -9.72 6.48
N TYR B 65 11.20 -10.93 5.95
CA TYR B 65 10.46 -11.99 6.66
C TYR B 65 11.07 -12.33 8.06
N HIS B 66 12.39 -12.20 8.25
CA HIS B 66 13.04 -12.49 9.53
C HIS B 66 12.64 -11.48 10.62
N ASN B 67 12.08 -10.34 10.19
CA ASN B 67 11.61 -9.26 11.07
C ASN B 67 10.10 -9.29 11.26
N TYR B 68 9.50 -10.49 11.04
CA TYR B 68 8.10 -10.88 11.19
C TYR B 68 7.48 -10.22 12.43
N ARG B 69 8.18 -10.33 13.59
CA ARG B 69 7.77 -9.85 14.92
C ARG B 69 7.37 -8.38 14.98
N HIS B 70 8.15 -7.49 14.33
CA HIS B 70 7.93 -6.04 14.33
C HIS B 70 6.60 -5.67 13.72
N GLN B 71 6.25 -6.29 12.58
CA GLN B 71 4.97 -6.09 11.89
C GLN B 71 3.81 -6.79 12.64
N ALA B 72 4.08 -7.94 13.33
CA ALA B 72 3.12 -8.68 14.17
C ALA B 72 2.77 -7.87 15.41
N ASP B 73 3.77 -7.15 15.98
CA ASP B 73 3.65 -6.27 17.15
C ASP B 73 2.69 -5.12 16.82
N VAL B 74 2.95 -4.41 15.70
CA VAL B 74 2.19 -3.27 15.20
C VAL B 74 0.75 -3.70 14.84
N CYS B 75 0.58 -4.87 14.19
CA CYS B 75 -0.74 -5.44 13.86
C CYS B 75 -1.58 -5.67 15.11
N HIS B 76 -0.94 -6.21 16.17
CA HIS B 76 -1.54 -6.49 17.48
C HIS B 76 -1.99 -5.19 18.13
N MET B 77 -1.15 -4.14 18.08
CA MET B 77 -1.48 -2.83 18.64
C MET B 77 -2.71 -2.24 17.95
N TYR B 78 -2.88 -2.46 16.63
CA TYR B 78 -4.05 -2.00 15.90
C TYR B 78 -5.34 -2.66 16.41
N GLN B 79 -5.29 -3.99 16.68
CA GLN B 79 -6.43 -4.76 17.17
C GLN B 79 -6.91 -4.24 18.53
N ILE B 80 -5.99 -3.77 19.38
CA ILE B 80 -6.29 -3.19 20.69
C ILE B 80 -7.07 -1.89 20.50
N LEU B 81 -6.55 -0.99 19.65
CA LEU B 81 -7.18 0.29 19.30
C LEU B 81 -8.55 0.11 18.64
N ARG B 82 -8.66 -0.83 17.69
CA ARG B 82 -9.93 -1.13 16.99
C ARG B 82 -11.02 -1.62 17.98
N LYS B 83 -10.64 -2.52 18.92
CA LYS B 83 -11.55 -3.05 19.93
C LYS B 83 -11.95 -2.00 20.98
N GLY B 84 -11.09 -1.00 21.19
CA GLY B 84 -11.31 0.09 22.13
C GLY B 84 -12.15 1.24 21.60
N GLY B 85 -12.49 1.19 20.32
CA GLY B 85 -13.31 2.21 19.66
C GLY B 85 -12.55 3.35 18.99
N VAL B 86 -11.22 3.19 18.80
CA VAL B 86 -10.38 4.19 18.13
C VAL B 86 -10.61 3.99 16.62
N LYS B 87 -11.06 5.04 15.93
CA LYS B 87 -11.43 4.98 14.52
C LYS B 87 -10.24 4.92 13.56
N ASP B 88 -10.39 4.11 12.48
CA ASP B 88 -9.37 3.90 11.43
C ASP B 88 -8.83 5.18 10.82
N GLU B 89 -9.68 6.21 10.62
CA GLU B 89 -9.28 7.50 10.03
C GLU B 89 -8.35 8.28 10.94
N ASN B 90 -8.20 7.83 12.20
CA ASN B 90 -7.36 8.44 13.22
C ASN B 90 -6.17 7.57 13.64
N ILE B 91 -5.97 6.41 12.96
CA ILE B 91 -4.88 5.48 13.22
C ILE B 91 -4.01 5.37 11.95
N ILE B 92 -2.84 6.02 11.94
CA ILE B 92 -1.91 5.96 10.81
C ILE B 92 -1.03 4.74 10.99
N VAL B 93 -1.07 3.82 10.00
CA VAL B 93 -0.28 2.58 10.05
C VAL B 93 0.85 2.56 9.02
N PHE B 94 2.09 2.34 9.52
CA PHE B 94 3.29 2.21 8.71
C PHE B 94 3.79 0.78 8.91
N MET B 95 3.61 -0.08 7.90
CA MET B 95 4.12 -1.45 7.91
C MET B 95 4.42 -1.88 6.48
N TYR B 96 5.65 -2.38 6.27
CA TYR B 96 6.22 -2.74 4.97
C TYR B 96 5.30 -3.57 4.11
N ASP B 97 4.70 -4.64 4.71
CA ASP B 97 3.72 -5.57 4.13
C ASP B 97 4.37 -6.68 3.28
N ASP B 98 5.50 -7.20 3.78
CA ASP B 98 6.22 -8.30 3.12
C ASP B 98 6.18 -9.58 3.98
N ILE B 99 5.20 -9.68 4.90
CA ILE B 99 5.09 -10.81 5.82
C ILE B 99 3.94 -11.78 5.47
N ALA B 100 2.68 -11.28 5.46
CA ALA B 100 1.48 -12.09 5.25
C ALA B 100 1.47 -12.96 3.99
N TYR B 101 1.99 -12.43 2.86
CA TYR B 101 2.01 -13.16 1.59
C TYR B 101 3.45 -13.42 1.12
N ASN B 102 4.35 -13.64 2.09
CA ASN B 102 5.74 -13.99 1.83
C ASN B 102 5.78 -15.48 1.49
N GLU B 103 6.66 -15.86 0.53
CA GLU B 103 6.89 -17.24 0.07
C GLU B 103 7.21 -18.14 1.27
N SER B 104 7.95 -17.58 2.26
CA SER B 104 8.40 -18.23 3.49
C SER B 104 7.31 -18.37 4.57
N ASN B 105 6.20 -17.62 4.46
CA ASN B 105 5.12 -17.69 5.45
C ASN B 105 4.31 -18.98 5.28
N PRO B 106 4.27 -19.87 6.31
CA PRO B 106 3.49 -21.11 6.15
C PRO B 106 1.97 -20.91 6.15
N PHE B 107 1.48 -19.73 6.59
CA PHE B 107 0.05 -19.39 6.63
C PHE B 107 -0.24 -18.10 5.88
N PRO B 108 -0.42 -18.17 4.53
CA PRO B 108 -0.70 -16.94 3.75
C PRO B 108 -1.93 -16.18 4.25
N GLY B 109 -1.74 -14.88 4.47
CA GLY B 109 -2.80 -13.99 4.95
C GLY B 109 -2.91 -13.87 6.45
N ILE B 110 -2.19 -14.73 7.19
CA ILE B 110 -2.17 -14.80 8.65
C ILE B 110 -0.82 -14.32 9.20
N ILE B 111 -0.88 -13.48 10.25
CA ILE B 111 0.23 -13.00 11.06
C ILE B 111 -0.20 -13.22 12.53
N ILE B 112 0.63 -13.91 13.31
CA ILE B 112 0.39 -14.20 14.72
C ILE B 112 1.47 -13.54 15.60
N ASN B 113 1.06 -12.93 16.72
CA ASN B 113 1.97 -12.28 17.67
C ASN B 113 2.16 -13.15 18.96
N LYS B 114 1.61 -14.38 18.97
CA LYS B 114 1.67 -15.32 20.09
C LYS B 114 1.47 -16.74 19.53
N PRO B 115 2.13 -17.78 20.08
CA PRO B 115 1.97 -19.15 19.55
C PRO B 115 0.54 -19.62 19.22
N GLY B 116 -0.45 -19.41 20.09
CA GLY B 116 -1.82 -19.80 19.78
C GLY B 116 -2.76 -18.65 19.44
N GLY B 117 -2.18 -17.49 19.12
CA GLY B 117 -2.88 -16.22 18.89
C GLY B 117 -3.80 -16.09 17.70
N GLU B 118 -4.61 -15.00 17.72
CA GLU B 118 -5.53 -14.63 16.65
C GLU B 118 -4.74 -14.06 15.46
N ASN B 119 -5.36 -13.99 14.27
CA ASN B 119 -4.75 -13.38 13.09
C ASN B 119 -4.84 -11.87 13.28
N VAL B 120 -3.72 -11.26 13.67
CA VAL B 120 -3.63 -9.82 13.93
C VAL B 120 -3.58 -9.02 12.63
N TYR B 121 -3.25 -9.66 11.49
CA TYR B 121 -3.17 -9.01 10.18
C TYR B 121 -4.52 -8.57 9.59
N LYS B 122 -5.59 -9.37 9.81
CA LYS B 122 -6.94 -9.12 9.32
C LYS B 122 -7.48 -7.77 9.81
N GLY B 123 -7.83 -6.90 8.86
CA GLY B 123 -8.44 -5.60 9.09
C GLY B 123 -7.53 -4.42 9.33
N VAL B 124 -6.20 -4.64 9.34
CA VAL B 124 -5.23 -3.56 9.58
C VAL B 124 -5.18 -2.61 8.34
N PRO B 125 -5.51 -1.30 8.52
CA PRO B 125 -5.46 -0.37 7.37
C PRO B 125 -4.03 0.09 7.10
N LYS B 126 -3.44 -0.34 5.99
CA LYS B 126 -2.07 0.02 5.63
C LYS B 126 -2.06 1.36 4.89
N ASP B 127 -1.52 2.39 5.54
CA ASP B 127 -1.42 3.74 5.00
C ASP B 127 -0.13 3.94 4.22
N TYR B 128 1.00 3.46 4.77
CA TYR B 128 2.33 3.55 4.17
C TYR B 128 2.99 2.18 4.20
N THR B 129 3.19 1.60 3.01
CA THR B 129 3.80 0.29 2.78
C THR B 129 5.03 0.45 1.88
N GLY B 130 5.85 -0.59 1.82
CA GLY B 130 7.05 -0.62 1.01
C GLY B 130 7.99 0.50 1.33
N GLU B 131 8.55 1.14 0.28
CA GLU B 131 9.50 2.24 0.41
C GLU B 131 8.84 3.59 0.77
N ASP B 132 7.53 3.59 1.05
CA ASP B 132 6.81 4.78 1.50
C ASP B 132 7.01 5.00 3.02
N ILE B 133 7.54 3.98 3.72
CA ILE B 133 7.89 4.08 5.13
C ILE B 133 9.32 4.63 5.12
N ASN B 134 9.42 5.94 5.30
CA ASN B 134 10.66 6.71 5.31
C ASN B 134 10.51 7.91 6.26
N ASN B 135 11.63 8.60 6.55
CA ASN B 135 11.67 9.76 7.44
C ASN B 135 10.73 10.90 7.01
N VAL B 136 10.70 11.23 5.71
CA VAL B 136 9.86 12.29 5.15
C VAL B 136 8.41 12.05 5.49
N ASN B 137 7.86 10.88 5.12
CA ASN B 137 6.47 10.49 5.35
C ASN B 137 6.11 10.29 6.81
N PHE B 138 7.04 9.77 7.63
CA PHE B 138 6.81 9.53 9.05
C PHE B 138 6.74 10.83 9.86
N LEU B 139 7.72 11.74 9.65
CA LEU B 139 7.78 13.01 10.35
C LEU B 139 6.70 13.99 9.87
N ALA B 140 6.31 13.92 8.57
CA ALA B 140 5.22 14.74 8.00
C ALA B 140 3.87 14.28 8.53
N ALA B 141 3.71 12.96 8.81
CA ALA B 141 2.49 12.37 9.36
C ALA B 141 2.28 12.86 10.81
N ILE B 142 3.35 12.85 11.64
CA ILE B 142 3.35 13.34 13.03
C ILE B 142 2.96 14.83 13.07
N LEU B 143 3.61 15.65 12.22
CA LEU B 143 3.34 17.09 12.14
C LEU B 143 1.98 17.46 11.54
N GLY B 144 1.32 16.50 10.88
CA GLY B 144 0.02 16.71 10.24
C GLY B 144 0.13 17.47 8.94
N ASN B 145 1.25 17.30 8.23
CA ASN B 145 1.53 17.98 6.98
C ASN B 145 1.33 17.09 5.74
N LYS B 146 0.08 17.09 5.23
CA LYS B 146 -0.38 16.33 4.06
C LYS B 146 0.40 16.67 2.78
N SER B 147 0.77 17.96 2.61
CA SER B 147 1.49 18.47 1.44
C SER B 147 2.93 17.98 1.31
N ALA B 148 3.50 17.41 2.40
CA ALA B 148 4.87 16.88 2.42
C ALA B 148 4.93 15.37 2.20
N ILE B 149 3.76 14.71 2.12
CA ILE B 149 3.61 13.26 1.92
C ILE B 149 3.80 12.88 0.45
N ILE B 150 4.66 11.87 0.20
CA ILE B 150 4.97 11.30 -1.13
C ILE B 150 4.59 9.83 -1.03
N GLY B 151 3.57 9.41 -1.77
CA GLY B 151 3.09 8.03 -1.75
C GLY B 151 2.31 7.69 -0.49
N GLY B 152 1.54 6.62 -0.57
CA GLY B 152 0.70 6.20 0.55
C GLY B 152 -0.68 6.80 0.46
N SER B 153 -1.48 6.62 1.52
CA SER B 153 -2.86 7.11 1.55
C SER B 153 -2.97 8.63 1.68
N GLY B 154 -2.04 9.23 2.42
CA GLY B 154 -2.03 10.66 2.70
C GLY B 154 -2.60 10.98 4.07
N LYS B 155 -2.84 9.94 4.90
CA LYS B 155 -3.38 10.06 6.27
C LYS B 155 -2.29 10.67 7.15
N VAL B 156 -2.62 11.75 7.86
CA VAL B 156 -1.71 12.51 8.75
C VAL B 156 -2.40 12.84 10.07
N LEU B 157 -1.61 13.21 11.11
CA LEU B 157 -2.14 13.63 12.42
C LEU B 157 -2.75 15.04 12.31
N ASP B 158 -4.01 15.15 11.85
CA ASP B 158 -4.69 16.44 11.76
C ASP B 158 -5.44 16.64 13.07
N THR B 159 -4.68 16.85 14.13
CA THR B 159 -5.16 16.95 15.51
C THR B 159 -5.54 18.36 15.95
N SER B 160 -6.35 18.44 17.02
CA SER B 160 -6.79 19.69 17.64
C SER B 160 -6.35 19.70 19.14
N PRO B 161 -6.34 20.87 19.85
CA PRO B 161 -5.85 20.91 21.25
C PRO B 161 -6.46 19.95 22.31
N ASN B 162 -7.65 19.34 22.09
CA ASN B 162 -8.26 18.41 23.04
C ASN B 162 -7.97 16.93 22.73
N ASP B 163 -7.34 16.67 21.57
CA ASP B 163 -7.02 15.32 21.10
C ASP B 163 -5.91 14.63 21.87
N HIS B 164 -5.95 13.29 21.85
CA HIS B 164 -4.95 12.44 22.48
C HIS B 164 -4.22 11.66 21.41
N ILE B 165 -2.89 11.58 21.52
CA ILE B 165 -2.05 10.86 20.55
C ILE B 165 -1.30 9.72 21.21
N PHE B 166 -1.39 8.49 20.61
CA PHE B 166 -0.61 7.34 21.03
C PHE B 166 0.32 6.93 19.88
N ILE B 167 1.64 7.07 20.07
CA ILE B 167 2.58 6.64 19.05
C ILE B 167 3.23 5.34 19.49
N TYR B 168 3.26 4.35 18.60
CA TYR B 168 3.93 3.10 18.88
C TYR B 168 4.88 2.68 17.75
N TYR B 169 6.19 2.64 18.09
CA TYR B 169 7.26 2.21 17.21
C TYR B 169 7.80 0.86 17.68
N ALA B 170 7.97 -0.09 16.74
CA ALA B 170 8.53 -1.42 16.99
C ALA B 170 9.55 -1.77 15.92
CA HIS B 172 15.54 -2.19 15.40
C HIS B 172 16.01 -0.82 15.87
N GLY B 173 16.84 -0.83 16.88
CA GLY B 173 17.44 0.38 17.42
C GLY B 173 18.93 0.24 17.60
N ALA B 174 19.55 1.34 18.01
CA ALA B 174 20.97 1.49 18.29
C ALA B 174 21.07 2.81 19.04
N PRO B 175 22.19 3.11 19.75
CA PRO B 175 22.26 4.41 20.45
C PRO B 175 21.92 5.62 19.55
N GLY B 176 20.86 6.34 19.92
CA GLY B 176 20.34 7.53 19.23
C GLY B 176 19.82 7.32 17.83
N LYS B 177 19.39 6.08 17.52
CA LYS B 177 18.90 5.66 16.20
C LYS B 177 17.78 4.61 16.31
N ILE B 178 16.74 4.79 15.48
CA ILE B 178 15.65 3.84 15.26
C ILE B 178 15.60 3.58 13.74
N GLY B 179 15.39 2.32 13.37
CA GLY B 179 15.37 1.91 11.97
C GLY B 179 14.21 2.41 11.14
N MET B 180 14.42 2.41 9.83
CA MET B 180 13.44 2.73 8.80
C MET B 180 13.64 1.63 7.74
N PRO B 181 12.58 1.04 7.16
CA PRO B 181 12.80 -0.01 6.14
C PRO B 181 13.61 0.47 4.93
N SER B 182 13.53 1.78 4.63
CA SER B 182 14.29 2.42 3.56
C SER B 182 15.23 3.48 4.18
N LYS B 183 16.55 3.32 3.94
CA LYS B 183 17.62 4.21 4.42
C LYS B 183 17.45 5.68 3.91
N PRO B 184 17.87 6.72 4.67
CA PRO B 184 18.53 6.70 5.98
C PRO B 184 17.62 6.36 7.15
N TYR B 185 18.24 6.07 8.31
CA TYR B 185 17.53 5.76 9.54
C TYR B 185 17.05 7.02 10.26
N LEU B 186 16.24 6.86 11.31
CA LEU B 186 15.75 8.01 12.09
C LEU B 186 16.61 8.18 13.32
N TYR B 187 17.24 9.36 13.44
CA TYR B 187 18.11 9.73 14.55
C TYR B 187 17.39 10.60 15.56
N ALA B 188 17.71 10.41 16.84
CA ALA B 188 17.08 11.07 18.00
C ALA B 188 16.87 12.56 17.85
N ASP B 189 17.89 13.27 17.29
CA ASP B 189 17.81 14.72 17.06
C ASP B 189 16.63 15.09 16.15
N ASP B 190 16.43 14.37 15.01
CA ASP B 190 15.35 14.61 14.04
C ASP B 190 13.98 14.27 14.58
N LEU B 191 13.88 13.18 15.36
CA LEU B 191 12.62 12.76 15.98
C LEU B 191 12.20 13.73 17.08
N VAL B 192 13.12 14.07 18.03
CA VAL B 192 12.82 15.00 19.14
C VAL B 192 12.54 16.44 18.60
N ASP B 193 13.22 16.86 17.52
CA ASP B 193 12.98 18.18 16.92
C ASP B 193 11.57 18.27 16.32
N THR B 194 11.06 17.16 15.74
CA THR B 194 9.73 17.04 15.16
C THR B 194 8.68 17.15 16.26
N LEU B 195 8.89 16.43 17.38
CA LEU B 195 8.03 16.41 18.55
C LEU B 195 7.96 17.78 19.24
N LYS B 196 9.13 18.48 19.31
CA LYS B 196 9.25 19.83 19.88
C LYS B 196 8.47 20.83 19.00
N GLN B 197 8.51 20.62 17.66
CA GLN B 197 7.80 21.44 16.68
C GLN B 197 6.30 21.24 16.84
N LYS B 198 5.86 19.98 16.98
CA LYS B 198 4.47 19.58 17.20
C LYS B 198 3.97 20.10 18.57
N ALA B 199 4.84 20.10 19.59
CA ALA B 199 4.49 20.59 20.93
C ALA B 199 4.30 22.12 20.94
N ALA B 200 5.14 22.85 20.16
CA ALA B 200 5.10 24.31 20.06
C ALA B 200 3.87 24.81 19.27
N THR B 201 3.14 23.88 18.60
CA THR B 201 1.95 24.14 17.81
C THR B 201 0.64 24.07 18.66
N GLY B 202 0.69 23.36 19.79
CA GLY B 202 -0.41 23.16 20.74
C GLY B 202 -1.67 22.51 20.22
N THR B 203 -1.52 21.54 19.29
CA THR B 203 -2.64 20.84 18.67
C THR B 203 -2.90 19.44 19.26
N TYR B 204 -2.78 19.32 20.59
CA TYR B 204 -3.06 18.08 21.31
C TYR B 204 -3.06 18.36 22.77
N LYS B 205 -3.80 17.55 23.55
CA LYS B 205 -3.84 17.68 25.00
C LYS B 205 -2.60 17.00 25.58
N SER B 206 -2.42 15.69 25.30
CA SER B 206 -1.27 14.93 25.76
C SER B 206 -0.90 13.82 24.76
N MET B 207 0.36 13.36 24.82
CA MET B 207 0.90 12.34 23.92
C MET B 207 1.64 11.25 24.70
N VAL B 208 1.44 9.99 24.31
CA VAL B 208 2.08 8.81 24.88
C VAL B 208 2.83 8.15 23.72
N PHE B 209 4.16 7.97 23.86
CA PHE B 209 5.05 7.37 22.84
C PHE B 209 5.73 6.10 23.40
N TYR B 210 5.39 4.94 22.80
CA TYR B 210 5.91 3.62 23.16
C TYR B 210 6.93 3.16 22.13
N VAL B 211 8.20 3.02 22.51
CA VAL B 211 9.22 2.60 21.55
C VAL B 211 9.91 1.27 21.95
N GLU B 212 9.75 0.28 21.06
CA GLU B 212 10.32 -1.06 21.10
C GLU B 212 11.51 -1.05 20.13
N ALA B 213 12.74 -1.00 20.70
CA ALA B 213 14.02 -0.96 19.98
C ALA B 213 15.19 -1.17 20.95
N CYS B 214 16.41 -1.49 20.42
CA CYS B 214 17.64 -1.59 21.20
C CYS B 214 17.99 -0.15 21.59
N ASN B 215 18.44 0.08 22.83
CA ASN B 215 18.83 1.41 23.37
C ASN B 215 17.70 2.44 23.22
N ALA B 216 16.42 2.00 23.28
CA ALA B 216 15.24 2.85 23.07
C ALA B 216 15.23 4.16 23.89
N GLY B 217 15.82 4.15 25.09
CA GLY B 217 15.91 5.30 25.97
C GLY B 217 16.80 6.42 25.46
N SER B 218 17.79 6.09 24.57
CA SER B 218 18.74 7.04 23.96
C SER B 218 18.05 7.99 22.97
N MET B 219 16.81 7.67 22.60
CA MET B 219 15.99 8.47 21.69
C MET B 219 15.45 9.71 22.40
N PHE B 220 15.38 9.66 23.75
CA PHE B 220 14.84 10.75 24.56
C PHE B 220 15.79 11.31 25.58
N GLU B 221 16.67 10.46 26.17
CA GLU B 221 17.62 10.87 27.21
C GLU B 221 18.45 12.07 26.84
N GLY B 222 18.32 13.13 27.65
CA GLY B 222 18.97 14.42 27.44
C GLY B 222 18.51 15.19 26.21
N LEU B 223 17.35 14.80 25.63
CA LEU B 223 16.76 15.42 24.43
C LEU B 223 15.32 15.92 24.61
N LEU B 224 14.40 15.01 25.02
CA LEU B 224 12.97 15.33 25.17
C LEU B 224 12.75 16.29 26.37
N PRO B 225 12.39 17.58 26.14
CA PRO B 225 12.24 18.50 27.29
C PRO B 225 10.91 18.33 28.02
N GLU B 226 10.78 18.98 29.18
CA GLU B 226 9.54 18.92 29.95
C GLU B 226 8.60 20.03 29.51
N GLY B 227 7.31 19.82 29.75
CA GLY B 227 6.26 20.75 29.37
C GLY B 227 5.86 20.64 27.91
N THR B 228 6.31 19.57 27.22
CA THR B 228 5.95 19.31 25.83
C THR B 228 4.65 18.51 25.76
N ASN B 229 4.16 18.03 26.94
CA ASN B 229 2.97 17.18 27.14
C ASN B 229 3.10 15.85 26.42
N ILE B 230 4.33 15.31 26.42
CA ILE B 230 4.73 14.04 25.83
C ILE B 230 5.34 13.19 26.95
N TYR B 231 4.76 11.99 27.16
CA TYR B 231 5.27 10.99 28.07
C TYR B 231 5.80 9.87 27.19
N ALA B 232 7.02 9.39 27.45
CA ALA B 232 7.57 8.31 26.64
C ALA B 232 7.95 7.10 27.47
N MET B 233 7.67 5.89 26.94
CA MET B 233 8.03 4.62 27.56
C MET B 233 8.86 3.83 26.56
N ALA B 234 10.01 3.30 27.04
CA ALA B 234 10.97 2.54 26.25
C ALA B 234 11.18 1.12 26.75
N ALA B 235 11.37 0.15 25.82
CA ALA B 235 11.62 -1.27 26.06
C ALA B 235 12.89 -1.48 26.87
N SER B 236 13.91 -0.64 26.59
CA SER B 236 15.23 -0.67 27.20
C SER B 236 15.75 0.74 27.49
N ASN B 237 16.77 0.85 28.36
CA ASN B 237 17.40 2.11 28.67
C ASN B 237 18.40 2.52 27.54
N SER B 238 19.11 3.65 27.68
CA SER B 238 20.01 4.15 26.65
C SER B 238 21.22 3.22 26.31
N THR B 239 21.63 2.32 27.23
CA THR B 239 22.81 1.46 27.05
C THR B 239 22.50 -0.02 26.81
N GLU B 240 21.24 -0.44 26.99
CA GLU B 240 20.78 -1.83 26.84
C GLU B 240 20.20 -2.12 25.46
N GLY B 241 20.27 -3.38 25.05
CA GLY B 241 19.59 -3.87 23.87
C GLY B 241 18.25 -4.45 24.29
N SER B 242 17.35 -4.69 23.31
CA SER B 242 16.05 -5.28 23.60
C SER B 242 16.05 -6.81 23.33
N TRP B 243 15.02 -7.48 23.81
CA TRP B 243 14.90 -8.92 23.72
C TRP B 243 13.71 -9.37 22.90
N ILE B 244 13.82 -10.58 22.34
CA ILE B 244 12.82 -11.24 21.48
C ILE B 244 12.33 -12.52 22.14
N THR B 245 11.01 -12.75 22.13
CA THR B 245 10.42 -13.96 22.68
C THR B 245 9.57 -14.66 21.60
N TYR B 246 8.95 -15.82 21.96
CA TYR B 246 8.13 -16.68 21.10
C TYR B 246 8.95 -17.17 19.91
N CYS B 247 10.08 -17.82 20.23
CA CYS B 247 11.06 -18.27 19.27
C CYS B 247 10.99 -19.76 18.95
N PRO B 248 11.45 -20.19 17.74
CA PRO B 248 11.39 -21.62 17.39
C PRO B 248 11.97 -22.59 18.40
N GLY B 249 11.31 -23.73 18.50
CA GLY B 249 11.64 -24.88 19.34
C GLY B 249 11.94 -24.59 20.79
N THR B 250 10.98 -23.94 21.51
CA THR B 250 11.13 -23.66 22.95
C THR B 250 9.73 -23.63 23.65
N PRO B 251 8.64 -22.95 23.17
CA PRO B 251 7.37 -23.02 23.91
C PRO B 251 6.50 -24.19 23.39
N ASP B 252 5.23 -23.89 23.06
CA ASP B 252 4.29 -24.83 22.43
C ASP B 252 4.05 -24.23 21.02
N PHE B 253 5.19 -24.02 20.35
CA PHE B 253 5.43 -23.37 19.07
C PHE B 253 5.15 -24.22 17.82
N PRO B 254 4.50 -23.62 16.78
CA PRO B 254 4.28 -24.34 15.52
C PRO B 254 5.63 -24.64 14.80
N PRO B 255 5.96 -25.93 14.51
CA PRO B 255 7.29 -26.24 13.91
C PRO B 255 7.54 -25.78 12.46
N GLU B 256 6.54 -25.16 11.80
CA GLU B 256 6.69 -24.65 10.43
C GLU B 256 7.42 -23.30 10.40
N PHE B 257 7.38 -22.55 11.53
CA PHE B 257 8.02 -21.25 11.67
C PHE B 257 9.50 -21.36 12.05
N ASP B 258 10.34 -20.55 11.37
CA ASP B 258 11.77 -20.40 11.59
C ASP B 258 12.07 -18.98 12.12
N VAL B 259 11.00 -18.21 12.41
CA VAL B 259 11.05 -16.83 12.93
C VAL B 259 10.42 -16.70 14.34
N CYS B 260 10.82 -15.66 15.10
CA CYS B 260 10.25 -15.34 16.42
C CYS B 260 9.02 -14.45 16.21
N LEU B 261 7.93 -14.72 16.94
CA LEU B 261 6.63 -14.05 16.76
C LEU B 261 6.46 -12.67 17.39
N GLY B 262 7.22 -12.38 18.43
CA GLY B 262 7.15 -11.10 19.12
C GLY B 262 8.42 -10.64 19.79
N ASP B 263 8.40 -9.39 20.25
CA ASP B 263 9.47 -8.72 20.99
C ASP B 263 9.01 -8.77 22.43
N LEU B 264 9.93 -9.09 23.37
CA LEU B 264 9.66 -9.26 24.79
C LEU B 264 8.80 -8.14 25.44
N TRP B 265 9.22 -6.86 25.36
CA TRP B 265 8.48 -5.74 25.96
C TRP B 265 7.11 -5.53 25.30
N SER B 266 7.06 -5.63 23.96
CA SER B 266 5.82 -5.49 23.18
C SER B 266 4.74 -6.48 23.59
N ILE B 267 5.12 -7.77 23.65
CA ILE B 267 4.33 -8.94 24.07
C ILE B 267 3.72 -8.72 25.45
N THR B 268 4.51 -8.21 26.39
CA THR B 268 4.14 -7.98 27.78
C THR B 268 3.12 -6.85 27.89
N PHE B 269 3.38 -5.70 27.26
CA PHE B 269 2.44 -4.58 27.32
C PHE B 269 1.18 -4.84 26.48
N LEU B 270 1.33 -5.46 25.28
CA LEU B 270 0.20 -5.77 24.37
C LEU B 270 -0.77 -6.77 24.98
N GLU B 271 -0.28 -7.88 25.55
CA GLU B 271 -1.10 -8.91 26.20
C GLU B 271 -1.82 -8.37 27.44
N ASP B 272 -1.21 -7.38 28.12
CA ASP B 272 -1.73 -6.65 29.27
C ASP B 272 -2.96 -5.82 28.85
N CYS B 273 -2.84 -5.05 27.73
CA CYS B 273 -3.90 -4.23 27.11
C CYS B 273 -5.13 -5.08 26.76
N ASP B 274 -4.93 -6.37 26.44
CA ASP B 274 -5.97 -7.35 26.08
C ASP B 274 -6.68 -7.93 27.30
N ALA B 275 -5.95 -8.03 28.44
CA ALA B 275 -6.38 -8.66 29.69
C ALA B 275 -7.37 -7.85 30.56
N HIS B 276 -7.40 -6.51 30.46
CA HIS B 276 -8.24 -5.72 31.36
C HIS B 276 -9.07 -4.65 30.72
N ASN B 277 -9.99 -4.08 31.53
CA ASN B 277 -10.80 -2.89 31.27
C ASN B 277 -9.76 -1.76 31.45
N LEU B 278 -9.36 -1.11 30.34
CA LEU B 278 -8.31 -0.10 30.35
C LEU B 278 -8.70 1.25 31.00
N ARG B 279 -9.92 1.32 31.59
CA ARG B 279 -10.41 2.47 32.34
C ARG B 279 -9.90 2.36 33.77
N THR B 280 -9.58 1.12 34.20
CA THR B 280 -9.14 0.77 35.57
C THR B 280 -7.62 0.70 35.70
N GLU B 281 -6.89 0.73 34.57
CA GLU B 281 -5.42 0.71 34.56
C GLU B 281 -4.87 2.01 34.00
N THR B 282 -3.93 2.63 34.75
CA THR B 282 -3.25 3.86 34.34
C THR B 282 -1.98 3.48 33.55
N VAL B 283 -1.38 4.47 32.84
CA VAL B 283 -0.14 4.28 32.07
C VAL B 283 1.01 3.95 33.06
N HIS B 284 1.00 4.56 34.27
CA HIS B 284 1.98 4.35 35.35
C HIS B 284 1.94 2.91 35.86
N GLN B 285 0.73 2.37 36.07
CA GLN B 285 0.51 0.98 36.54
C GLN B 285 1.06 0.01 35.52
N GLN B 286 0.85 0.29 34.22
CA GLN B 286 1.41 -0.53 33.15
C GLN B 286 2.92 -0.40 33.14
N PHE B 287 3.46 0.83 33.34
CA PHE B 287 4.91 1.06 33.40
C PHE B 287 5.54 0.18 34.47
N GLU B 288 5.01 0.21 35.72
CA GLU B 288 5.52 -0.55 36.85
C GLU B 288 5.39 -2.05 36.66
N LEU B 289 4.22 -2.51 36.17
CA LEU B 289 3.91 -3.91 35.89
C LEU B 289 4.86 -4.52 34.86
N VAL B 290 4.98 -3.91 33.66
CA VAL B 290 5.83 -4.42 32.59
C VAL B 290 7.32 -4.30 32.95
N LYS B 291 7.70 -3.30 33.77
CA LYS B 291 9.07 -3.12 34.27
C LYS B 291 9.46 -4.32 35.15
N LYS B 292 8.61 -4.66 36.15
CA LYS B 292 8.79 -5.81 37.06
C LYS B 292 8.90 -7.13 36.30
N LYS B 293 8.00 -7.36 35.33
CA LYS B 293 7.93 -8.56 34.50
C LYS B 293 9.17 -8.81 33.66
N ILE B 294 9.65 -7.77 32.94
CA ILE B 294 10.78 -7.82 31.98
C ILE B 294 12.15 -7.55 32.65
N ALA B 295 12.18 -7.23 33.97
CA ALA B 295 13.37 -6.91 34.78
C ALA B 295 14.60 -7.81 34.56
N TYR B 296 14.39 -9.12 34.34
CA TYR B 296 15.46 -10.10 34.11
C TYR B 296 16.20 -9.87 32.80
N ALA B 297 15.51 -9.27 31.82
CA ALA B 297 16.02 -9.00 30.49
C ALA B 297 16.48 -7.55 30.28
N SER B 298 15.57 -6.56 30.38
CA SER B 298 15.92 -5.16 30.20
C SER B 298 15.22 -4.24 31.21
N THR B 299 15.65 -2.96 31.28
CA THR B 299 15.12 -1.94 32.18
C THR B 299 14.16 -1.01 31.42
N VAL B 300 12.83 -1.19 31.66
CA VAL B 300 11.79 -0.36 31.06
C VAL B 300 11.99 1.07 31.60
N SER B 301 12.13 2.04 30.68
CA SER B 301 12.44 3.43 31.02
C SER B 301 11.38 4.47 30.59
N GLN B 302 11.20 5.52 31.41
CA GLN B 302 10.26 6.66 31.27
C GLN B 302 11.01 7.93 30.93
N TYR B 303 10.39 8.77 30.08
CA TYR B 303 10.93 10.06 29.67
C TYR B 303 9.79 11.07 29.48
N GLY B 304 10.15 12.35 29.52
CA GLY B 304 9.21 13.45 29.32
C GLY B 304 8.34 13.80 30.51
N ASP B 305 7.07 14.16 30.25
CA ASP B 305 6.15 14.56 31.30
C ASP B 305 5.55 13.35 31.97
N ILE B 306 6.26 12.84 33.01
CA ILE B 306 5.86 11.67 33.79
C ILE B 306 4.47 11.89 34.44
N PRO B 307 4.04 13.11 34.89
CA PRO B 307 2.65 13.25 35.39
C PRO B 307 1.53 12.82 34.42
N ILE B 308 1.79 12.76 33.10
CA ILE B 308 0.86 12.32 32.06
C ILE B 308 0.49 10.81 32.25
N SER B 309 1.40 10.01 32.83
CA SER B 309 1.18 8.58 33.07
C SER B 309 0.12 8.29 34.18
N LYS B 310 -0.41 9.35 34.82
CA LYS B 310 -1.49 9.28 35.81
C LYS B 310 -2.81 8.90 35.11
N ASP B 311 -2.92 9.20 33.79
CA ASP B 311 -4.08 8.93 32.95
C ASP B 311 -4.25 7.45 32.76
N SER B 312 -5.49 7.02 32.58
CA SER B 312 -5.79 5.62 32.31
C SER B 312 -5.44 5.30 30.85
N LEU B 313 -5.15 4.02 30.56
CA LEU B 313 -4.80 3.59 29.21
C LEU B 313 -5.92 3.83 28.19
N SER B 314 -7.19 3.87 28.67
CA SER B 314 -8.38 4.12 27.88
C SER B 314 -8.41 5.53 27.28
N VAL B 315 -7.70 6.49 27.89
CA VAL B 315 -7.60 7.88 27.42
C VAL B 315 -6.98 7.89 26.00
N TYR B 316 -6.04 6.96 25.75
CA TYR B 316 -5.30 6.80 24.50
C TYR B 316 -5.73 5.59 23.66
N MET B 317 -6.14 4.48 24.30
CA MET B 317 -6.49 3.21 23.64
C MET B 317 -7.96 2.82 23.62
N GLY B 318 -8.77 3.43 24.47
CA GLY B 318 -10.16 3.05 24.68
C GLY B 318 -10.16 1.76 25.50
N THR B 319 -11.25 1.00 25.44
CA THR B 319 -11.34 -0.29 26.13
C THR B 319 -12.33 -1.22 25.42
N ASP B 320 -11.94 -2.51 25.27
CA ASP B 320 -12.78 -3.55 24.66
C ASP B 320 -13.96 -3.83 25.60
N PRO B 321 -15.23 -3.58 25.16
CA PRO B 321 -16.39 -3.84 26.03
C PRO B 321 -16.48 -5.27 26.57
N ALA B 322 -15.79 -6.23 25.93
CA ALA B 322 -15.69 -7.64 26.33
C ALA B 322 -14.92 -7.80 27.65
N ASN B 323 -14.02 -6.85 27.99
CA ASN B 323 -13.23 -6.88 29.23
C ASN B 323 -13.75 -5.92 30.31
N ASP B 324 -15.00 -5.40 30.17
CA ASP B 324 -15.63 -4.48 31.13
C ASP B 324 -15.61 -5.00 32.58
N ASN B 325 -15.78 -6.32 32.76
CA ASN B 325 -15.74 -6.99 34.06
C ASN B 325 -14.30 -7.26 34.52
N ARG B 326 -13.34 -7.34 33.58
CA ARG B 326 -11.95 -7.61 33.91
C ARG B 326 -11.20 -6.37 34.46
N THR B 327 -11.46 -6.02 35.74
CA THR B 327 -10.81 -4.90 36.42
C THR B 327 -9.35 -5.20 36.69
N PHE B 328 -8.48 -4.21 36.46
CA PHE B 328 -7.06 -4.34 36.70
C PHE B 328 -6.81 -4.41 38.21
N VAL B 329 -6.02 -5.42 38.63
CA VAL B 329 -5.60 -5.64 40.02
C VAL B 329 -4.10 -5.46 40.03
N ASP B 330 -3.66 -4.41 40.75
CA ASP B 330 -2.27 -3.99 40.88
C ASP B 330 -1.47 -4.92 41.78
N PRO B 337 9.48 -16.78 33.79
CA PRO B 337 10.25 -16.13 32.72
C PRO B 337 10.14 -16.84 31.38
N LEU B 338 10.13 -16.06 30.28
CA LEU B 338 10.01 -16.53 28.90
C LEU B 338 11.39 -16.78 28.30
N LYS B 339 11.49 -17.80 27.41
CA LYS B 339 12.77 -18.10 26.74
C LYS B 339 13.00 -17.01 25.70
N VAL B 340 14.05 -16.21 25.95
CA VAL B 340 14.34 -15.00 25.22
C VAL B 340 15.73 -14.98 24.52
N ILE B 341 15.80 -14.31 23.36
CA ILE B 341 17.06 -14.14 22.59
C ILE B 341 17.22 -12.65 22.21
N HIS B 342 18.47 -12.14 22.23
CA HIS B 342 18.85 -10.76 21.91
C HIS B 342 18.38 -10.34 20.52
N GLN B 343 17.91 -9.09 20.38
CA GLN B 343 17.45 -8.53 19.10
C GLN B 343 18.56 -8.52 18.05
N HIS B 344 19.80 -8.27 18.50
CA HIS B 344 21.01 -8.19 17.68
C HIS B 344 21.40 -9.53 17.04
N ASP B 345 20.98 -10.67 17.68
CA ASP B 345 21.25 -12.04 17.25
C ASP B 345 20.09 -12.72 16.51
N ALA B 346 19.04 -11.96 16.17
CA ALA B 346 17.85 -12.45 15.48
C ALA B 346 18.12 -12.87 14.03
N ASP B 347 19.05 -12.19 13.36
CA ASP B 347 19.45 -12.50 11.97
C ASP B 347 20.22 -13.83 11.95
N LEU B 348 21.17 -14.01 12.90
CA LEU B 348 22.00 -15.20 13.09
C LEU B 348 21.10 -16.39 13.41
N TYR B 349 20.16 -16.19 14.36
CA TYR B 349 19.23 -17.22 14.81
C TYR B 349 18.29 -17.69 13.73
N HIS B 350 17.75 -16.77 12.94
CA HIS B 350 16.83 -17.09 11.85
C HIS B 350 17.49 -17.97 10.79
N ILE B 351 18.72 -17.61 10.39
CA ILE B 351 19.50 -18.36 9.40
C ILE B 351 19.88 -19.72 9.98
N TRP B 352 20.24 -19.78 11.29
CA TRP B 352 20.52 -21.05 11.97
C TRP B 352 19.28 -21.97 11.91
N CYS B 353 18.07 -21.43 12.24
CA CYS B 353 16.79 -22.16 12.21
C CYS B 353 16.48 -22.65 10.79
N LYS B 354 16.64 -21.76 9.80
CA LYS B 354 16.48 -22.04 8.36
C LYS B 354 17.41 -23.22 7.96
N TYR B 355 18.69 -23.13 8.35
CA TYR B 355 19.75 -24.13 8.12
C TYR B 355 19.44 -25.48 8.78
N ASN B 356 19.09 -25.45 10.08
CA ASN B 356 18.78 -26.65 10.85
C ASN B 356 17.55 -27.40 10.31
N MET B 357 16.48 -26.67 9.96
CA MET B 357 15.21 -27.21 9.45
C MET B 357 15.30 -27.81 8.05
N ALA B 358 16.26 -27.34 7.23
CA ALA B 358 16.45 -27.82 5.87
C ALA B 358 17.10 -29.21 5.85
N PRO B 359 16.68 -30.12 4.92
CA PRO B 359 17.31 -31.46 4.87
C PRO B 359 18.77 -31.44 4.46
N GLU B 360 19.52 -32.47 4.86
CA GLU B 360 20.95 -32.58 4.55
C GLU B 360 21.14 -32.77 3.05
N GLY B 361 22.12 -32.07 2.50
CA GLY B 361 22.43 -32.12 1.07
C GLY B 361 21.53 -31.30 0.18
N SER B 362 20.39 -30.80 0.71
CA SER B 362 19.43 -29.98 -0.04
C SER B 362 19.99 -28.62 -0.40
N SER B 363 19.41 -27.97 -1.43
CA SER B 363 19.84 -26.65 -1.91
C SER B 363 19.55 -25.55 -0.90
N LYS B 364 18.47 -25.69 -0.12
CA LYS B 364 18.07 -24.75 0.93
C LYS B 364 19.09 -24.71 2.07
N LYS B 365 19.68 -25.87 2.41
CA LYS B 365 20.68 -26.01 3.47
C LYS B 365 22.01 -25.39 3.07
N ILE B 366 22.45 -25.61 1.80
CA ILE B 366 23.70 -25.07 1.25
C ILE B 366 23.62 -23.53 1.22
N GLU B 367 22.47 -23.00 0.77
CA GLU B 367 22.12 -21.58 0.67
C GLU B 367 22.17 -20.91 2.06
N ALA B 368 21.55 -21.54 3.08
CA ALA B 368 21.52 -21.06 4.46
C ALA B 368 22.91 -21.10 5.10
N GLN B 369 23.72 -22.12 4.79
CA GLN B 369 25.09 -22.20 5.30
C GLN B 369 25.95 -21.06 4.76
N LYS B 370 25.79 -20.74 3.45
CA LYS B 370 26.49 -19.64 2.76
C LYS B 370 26.10 -18.29 3.37
N GLN B 371 24.78 -18.11 3.64
CA GLN B 371 24.16 -16.93 4.26
C GLN B 371 24.74 -16.67 5.65
N LEU B 372 24.97 -17.75 6.42
CA LEU B 372 25.53 -17.69 7.77
C LEU B 372 26.98 -17.22 7.75
N LEU B 373 27.79 -17.71 6.79
CA LEU B 373 29.19 -17.29 6.63
C LEU B 373 29.28 -15.82 6.21
N GLU B 374 28.43 -15.36 5.26
CA GLU B 374 28.35 -13.96 4.82
C GLU B 374 28.02 -13.03 5.99
N LEU B 375 27.02 -13.42 6.82
CA LEU B 375 26.55 -12.72 8.02
C LEU B 375 27.70 -12.60 9.04
N MET B 376 28.38 -13.73 9.37
CA MET B 376 29.51 -13.79 10.32
C MET B 376 30.73 -13.02 9.84
N SER B 377 31.05 -13.11 8.52
CA SER B 377 32.16 -12.38 7.88
C SER B 377 31.99 -10.89 8.03
N HIS B 378 30.77 -10.37 7.78
CA HIS B 378 30.43 -8.95 7.88
C HIS B 378 30.53 -8.45 9.33
N ARG B 379 30.05 -9.24 10.29
CA ARG B 379 30.11 -8.98 11.73
C ARG B 379 31.58 -8.77 12.10
N ALA B 380 32.46 -9.76 11.78
CA ALA B 380 33.90 -9.70 12.01
C ALA B 380 34.54 -8.50 11.31
N HIS B 381 34.23 -8.28 10.02
CA HIS B 381 34.75 -7.14 9.26
C HIS B 381 34.50 -5.80 9.97
N VAL B 382 33.22 -5.52 10.30
CA VAL B 382 32.73 -4.31 10.95
C VAL B 382 33.36 -4.12 12.34
N ASP B 383 33.38 -5.18 13.15
CA ASP B 383 33.98 -5.14 14.48
C ASP B 383 35.47 -4.94 14.43
N ASN B 384 36.20 -5.67 13.55
CA ASN B 384 37.65 -5.54 13.41
C ASN B 384 38.07 -4.19 12.84
N SER B 385 37.25 -3.59 11.94
CA SER B 385 37.49 -2.26 11.36
C SER B 385 37.41 -1.21 12.45
N ILE B 386 36.35 -1.24 13.29
CA ILE B 386 36.13 -0.31 14.39
C ILE B 386 37.23 -0.42 15.43
N THR B 387 37.67 -1.65 15.74
CA THR B 387 38.76 -1.93 16.69
C THR B 387 40.06 -1.31 16.18
N LEU B 388 40.43 -1.57 14.91
CA LEU B 388 41.65 -1.00 14.29
C LEU B 388 41.59 0.53 14.28
N ILE B 389 40.45 1.13 13.83
CA ILE B 389 40.23 2.58 13.77
C ILE B 389 40.44 3.21 15.15
N GLY B 390 39.82 2.64 16.18
CA GLY B 390 39.93 3.08 17.57
C GLY B 390 41.34 3.10 18.11
N LYS B 391 42.16 2.10 17.73
CA LYS B 391 43.57 1.98 18.13
C LYS B 391 44.44 2.94 17.35
N LEU B 392 44.07 3.22 16.10
CA LEU B 392 44.76 4.17 15.23
C LEU B 392 44.51 5.57 15.79
N LEU B 393 43.28 5.80 16.28
CA LEU B 393 42.77 7.04 16.83
C LEU B 393 43.27 7.37 18.23
N PHE B 394 43.18 6.42 19.15
CA PHE B 394 43.48 6.69 20.56
C PHE B 394 44.60 5.89 21.17
N GLY B 395 45.15 4.94 20.45
CA GLY B 395 46.21 4.09 20.97
C GLY B 395 45.68 2.74 21.38
N VAL B 396 46.51 1.71 21.22
CA VAL B 396 46.27 0.29 21.43
C VAL B 396 45.52 -0.05 22.74
N ASN B 397 45.87 0.64 23.85
CA ASN B 397 45.34 0.39 25.19
C ASN B 397 44.20 1.31 25.65
N LYS B 398 44.13 2.54 25.13
CA LYS B 398 43.08 3.51 25.49
C LYS B 398 41.80 3.33 24.66
N ALA B 399 41.94 2.78 23.43
CA ALA B 399 40.86 2.53 22.46
C ALA B 399 39.58 1.96 23.05
N SER B 400 39.66 0.89 23.89
CA SER B 400 38.49 0.24 24.49
C SER B 400 37.76 1.17 25.47
N LYS B 401 38.51 1.80 26.38
CA LYS B 401 38.01 2.71 27.40
C LYS B 401 37.20 3.85 26.77
N VAL B 402 37.76 4.50 25.74
CA VAL B 402 37.16 5.63 25.02
C VAL B 402 35.89 5.24 24.27
N LEU B 403 35.96 4.22 23.39
CA LEU B 403 34.82 3.81 22.54
C LEU B 403 33.64 3.16 23.28
N ASN B 404 33.86 2.66 24.50
CA ASN B 404 32.83 1.99 25.29
C ASN B 404 32.27 2.85 26.43
N THR B 405 32.73 4.11 26.51
CA THR B 405 32.28 5.11 27.49
C THR B 405 30.79 5.38 27.31
N VAL B 406 30.01 5.18 28.38
CA VAL B 406 28.59 5.50 28.36
C VAL B 406 28.37 6.76 29.23
N ARG B 407 27.47 7.64 28.77
CA ARG B 407 27.16 8.87 29.48
C ARG B 407 26.19 8.64 30.66
N PRO B 408 26.28 9.49 31.72
CA PRO B 408 25.39 9.36 32.87
C PRO B 408 23.92 9.71 32.56
N VAL B 409 23.02 9.34 33.48
CA VAL B 409 21.58 9.58 33.38
C VAL B 409 21.26 11.08 33.14
N GLY B 410 20.43 11.35 32.13
CA GLY B 410 19.98 12.69 31.77
C GLY B 410 20.83 13.40 30.74
N GLN B 411 21.93 12.76 30.31
CA GLN B 411 22.86 13.32 29.33
C GLN B 411 22.63 12.73 27.93
N PRO B 412 22.55 13.57 26.85
CA PRO B 412 22.34 13.01 25.50
C PRO B 412 23.54 12.20 25.01
N LEU B 413 23.33 11.27 24.08
CA LEU B 413 24.34 10.39 23.48
C LEU B 413 25.52 11.19 22.94
N VAL B 414 25.23 12.22 22.13
CA VAL B 414 26.20 13.06 21.49
C VAL B 414 25.80 14.54 21.59
N ASP B 415 26.77 15.44 21.62
CA ASP B 415 26.52 16.89 21.69
C ASP B 415 26.32 17.41 20.27
N ASP B 416 27.14 16.92 19.32
CA ASP B 416 27.08 17.28 17.90
C ASP B 416 26.50 16.10 17.11
N TRP B 417 25.18 16.17 16.81
CA TRP B 417 24.45 15.16 16.03
C TRP B 417 24.86 15.11 14.57
N GLN B 418 25.23 16.27 13.97
CA GLN B 418 25.73 16.32 12.60
C GLN B 418 27.08 15.62 12.46
N CYS B 419 27.91 15.65 13.53
CA CYS B 419 29.22 14.97 13.57
C CYS B 419 28.97 13.48 13.53
N LEU B 420 28.00 12.99 14.36
CA LEU B 420 27.64 11.58 14.45
C LEU B 420 27.24 11.02 13.09
N LYS B 421 26.35 11.75 12.37
CA LYS B 421 25.87 11.39 11.04
C LYS B 421 27.02 11.35 10.03
N ALA B 422 27.92 12.34 10.08
CA ALA B 422 29.11 12.44 9.24
C ALA B 422 30.06 11.26 9.52
N MET B 423 30.24 10.90 10.81
CA MET B 423 31.06 9.78 11.30
C MET B 423 30.56 8.44 10.73
N ILE B 424 29.22 8.22 10.71
CA ILE B 424 28.54 7.05 10.16
C ILE B 424 28.79 6.97 8.64
N ARG B 425 28.53 8.07 7.92
CA ARG B 425 28.72 8.17 6.47
C ARG B 425 30.18 7.90 6.05
N THR B 426 31.16 8.61 6.65
CA THR B 426 32.60 8.50 6.35
C THR B 426 33.17 7.11 6.63
N PHE B 427 32.63 6.39 7.64
CA PHE B 427 33.05 5.02 7.93
C PHE B 427 32.59 4.13 6.78
N GLU B 428 31.31 4.25 6.40
CA GLU B 428 30.67 3.47 5.34
C GLU B 428 31.25 3.68 3.94
N THR B 429 31.80 4.87 3.63
CA THR B 429 32.37 5.11 2.29
C THR B 429 33.65 4.29 2.10
N HIS B 430 34.42 4.09 3.19
CA HIS B 430 35.67 3.33 3.17
C HIS B 430 35.52 1.86 3.52
N CYS B 431 34.77 1.57 4.60
CA CYS B 431 34.59 0.25 5.19
C CYS B 431 33.28 -0.48 4.79
N GLY B 432 32.43 0.13 3.97
CA GLY B 432 31.17 -0.47 3.57
C GLY B 432 30.05 -0.32 4.59
N SER B 433 28.83 -0.66 4.19
CA SER B 433 27.63 -0.58 5.02
C SER B 433 27.77 -1.27 6.38
N LEU B 434 27.15 -0.68 7.41
CA LEU B 434 27.09 -1.17 8.78
C LEU B 434 26.04 -2.30 8.88
N SER B 435 25.04 -2.29 7.97
CA SER B 435 23.87 -3.20 7.95
C SER B 435 23.11 -3.00 9.27
N GLU B 436 22.38 -4.04 9.75
N GLU B 436 22.38 -4.01 9.79
CA GLU B 436 21.62 -4.02 10.99
CA GLU B 436 21.71 -3.77 11.08
C GLU B 436 22.58 -4.11 12.17
C GLU B 436 22.66 -4.04 12.23
N TYR B 437 23.55 -5.05 12.08
CA TYR B 437 24.56 -5.39 13.09
C TYR B 437 25.44 -4.22 13.49
N GLY B 438 26.08 -3.59 12.51
CA GLY B 438 27.03 -2.50 12.73
C GLY B 438 26.49 -1.24 13.34
N MET B 439 25.15 -1.06 13.39
CA MET B 439 24.50 0.13 13.95
C MET B 439 24.79 0.34 15.44
N LYS B 440 25.20 -0.71 16.15
CA LYS B 440 25.61 -0.64 17.57
C LYS B 440 26.81 0.28 17.76
N HIS B 441 27.60 0.47 16.69
CA HIS B 441 28.80 1.30 16.70
C HIS B 441 28.51 2.80 16.69
N THR B 442 27.23 3.24 16.81
CA THR B 442 26.87 4.67 16.98
C THR B 442 27.38 5.12 18.36
N LEU B 443 27.63 4.16 19.29
CA LEU B 443 28.24 4.37 20.60
C LEU B 443 29.74 4.72 20.40
N SER B 444 30.41 4.04 19.45
CA SER B 444 31.83 4.27 19.11
C SER B 444 31.99 5.63 18.43
N PHE B 445 31.12 5.96 17.44
CA PHE B 445 31.13 7.23 16.71
C PHE B 445 30.78 8.42 17.58
N ALA B 446 29.82 8.24 18.51
CA ALA B 446 29.40 9.26 19.48
C ALA B 446 30.55 9.55 20.44
N ASN B 447 31.31 8.51 20.83
CA ASN B 447 32.48 8.66 21.71
C ASN B 447 33.64 9.35 21.01
N MET B 448 33.74 9.17 19.68
CA MET B 448 34.74 9.83 18.82
C MET B 448 34.37 11.31 18.72
N CYS B 449 33.07 11.64 18.47
CA CYS B 449 32.57 13.02 18.36
C CYS B 449 32.78 13.81 19.65
N ASN B 450 32.43 13.21 20.79
CA ASN B 450 32.56 13.83 22.10
C ASN B 450 34.02 13.98 22.54
N ALA B 451 34.94 13.13 22.00
CA ALA B 451 36.39 13.19 22.27
C ALA B 451 37.11 14.22 21.37
N GLY B 452 36.37 14.92 20.53
CA GLY B 452 36.90 15.95 19.63
C GLY B 452 37.39 15.47 18.27
N ILE B 453 37.09 14.19 17.91
CA ILE B 453 37.48 13.60 16.63
C ILE B 453 36.58 14.18 15.53
N GLN B 454 37.19 14.55 14.41
CA GLN B 454 36.53 15.10 13.21
C GLN B 454 36.45 14.00 12.15
N LYS B 455 35.51 14.14 11.18
CA LYS B 455 35.30 13.21 10.07
C LYS B 455 36.57 12.92 9.24
N GLU B 456 37.47 13.92 9.12
CA GLU B 456 38.73 13.80 8.38
C GLU B 456 39.71 12.82 9.05
N GLN B 457 39.72 12.77 10.40
CA GLN B 457 40.55 11.88 11.20
C GLN B 457 40.08 10.44 11.10
N LEU B 458 38.75 10.24 11.05
CA LEU B 458 38.07 8.95 10.89
C LEU B 458 38.33 8.41 9.47
N ALA B 459 38.21 9.26 8.43
CA ALA B 459 38.43 8.90 7.02
C ALA B 459 39.84 8.36 6.78
N GLU B 460 40.86 9.02 7.37
CA GLU B 460 42.26 8.61 7.28
C GLU B 460 42.51 7.28 8.01
N ALA B 461 41.83 7.06 9.15
CA ALA B 461 41.96 5.83 9.95
C ALA B 461 41.25 4.65 9.24
N ALA B 462 40.02 4.89 8.70
CA ALA B 462 39.21 3.93 7.96
C ALA B 462 39.84 3.50 6.62
N ALA B 463 40.56 4.42 5.94
CA ALA B 463 41.25 4.11 4.68
C ALA B 463 42.46 3.19 4.97
N GLN B 464 43.03 3.31 6.17
CA GLN B 464 44.13 2.49 6.67
C GLN B 464 43.59 1.15 7.19
N ALA B 465 42.38 1.14 7.78
CA ALA B 465 41.72 -0.08 8.28
C ALA B 465 41.13 -0.92 7.15
N CYS B 466 40.62 -0.27 6.08
CA CYS B 466 40.05 -0.94 4.90
C CYS B 466 40.72 -0.47 3.64
N VAL B 467 41.79 -1.17 3.25
CA VAL B 467 42.56 -0.87 2.04
C VAL B 467 41.70 -1.12 0.78
N THR B 468 40.82 -2.14 0.85
CA THR B 468 39.91 -2.56 -0.21
C THR B 468 38.47 -2.60 0.31
N PHE B 469 37.52 -2.03 -0.48
CA PHE B 469 36.09 -2.01 -0.15
C PHE B 469 35.54 -3.46 -0.15
N PRO B 470 34.72 -3.87 0.87
CA PRO B 470 34.27 -5.28 0.91
C PRO B 470 33.32 -5.72 -0.20
N SER B 471 33.37 -7.02 -0.52
CA SER B 471 32.56 -7.69 -1.55
C SER B 471 31.29 -8.30 -0.96
N ASN B 472 31.29 -8.54 0.37
CA ASN B 472 30.18 -9.09 1.17
C ASN B 472 28.87 -8.36 0.86
N PRO B 473 27.73 -9.08 0.63
CA PRO B 473 26.45 -8.40 0.32
C PRO B 473 25.90 -7.47 1.41
N TYR B 474 26.28 -7.69 2.68
CA TYR B 474 25.82 -6.88 3.80
C TYR B 474 26.54 -5.53 3.84
N SER B 475 27.70 -5.42 3.16
CA SER B 475 28.52 -4.22 3.06
C SER B 475 28.08 -3.31 1.90
N SER B 476 27.05 -3.75 1.12
CA SER B 476 26.52 -3.03 -0.04
C SER B 476 25.85 -1.70 0.31
N LEU B 477 26.30 -0.63 -0.38
CA LEU B 477 25.79 0.73 -0.24
C LEU B 477 24.70 1.03 -1.29
N ALA B 478 24.20 -0.02 -1.97
CA ALA B 478 23.16 0.06 -3.01
C ALA B 478 21.85 0.70 -2.51
N GLU B 479 21.50 0.47 -1.24
CA GLU B 479 20.31 1.03 -0.57
C GLU B 479 20.62 2.39 0.10
N GLY B 480 21.85 2.89 -0.10
CA GLY B 480 22.34 4.15 0.43
C GLY B 480 23.04 4.03 1.76
N PHE B 481 23.40 5.20 2.37
CA PHE B 481 24.04 5.28 3.68
C PHE B 481 23.02 5.21 4.81
N SER B 482 23.47 4.79 6.01
CA SER B 482 22.66 4.66 7.22
C SER B 482 22.25 6.02 7.81
N ALA B 483 23.08 7.07 7.59
CA ALA B 483 22.83 8.43 8.07
C ALA B 483 22.59 9.40 6.92
#